data_4CT8
#
_entry.id   4CT8
#
_cell.length_a   72.970
_cell.length_b   93.550
_cell.length_c   132.690
_cell.angle_alpha   90.00
_cell.angle_beta   90.00
_cell.angle_gamma   90.00
#
_symmetry.space_group_name_H-M   'P 21 21 21'
#
loop_
_entity.id
_entity.type
_entity.pdbx_description
1 polymer 'CINA-LIKE PROTEIN'
2 non-polymer 'SULFATE ION'
3 non-polymer GLYCEROL
4 non-polymer 'SODIUM ION'
5 water water
#
_entity_poly.entity_id   1
_entity_poly.type   'polypeptide(L)'
_entity_poly.pdbx_seq_one_letter_code
;MERAEILGVGTELLYGETLDTNTAEIARSLKPYALKVERTLRVADEVAPLAREVEEAFARARLVVLSGGLGPTPDDVTRE
AVALALGEPLELDEAVLGEIEAFFRARGRAMPEANRKQAMRIPSATWLKNPRGTAPGWWVRKGGKDLVLLPGPPPEWRPM
WQEVLPRLGLPRRPYAERVLKTWGIGESEIVERLGPLFVREEEVEVGTYPKVHGVEVVVRGREDRVAELAERIKKKLLKE
VWGEGEMTLAEAVKRRMEREGATLSTMESLTGGLLGAEITRVPGASRFYLGGVVSYSVGAKARFGVPQDLLSRTVSAETA
RAMAEAARSLFGSTYALATTGVAGPDPLEGEPPGTVYVALAGPTGAEVRRYRFPGDRETVRLRSVYAALALLVT
;
_entity_poly.pdbx_strand_id   A,B
#
# COMPACT_ATOMS: atom_id res chain seq x y z
N MET A 1 -30.55 10.47 8.21
CA MET A 1 -30.08 9.12 7.77
C MET A 1 -29.50 8.30 8.93
N GLU A 2 -30.04 7.12 9.14
CA GLU A 2 -29.64 6.20 10.22
C GLU A 2 -28.21 5.60 10.04
N ARG A 3 -27.63 5.06 11.12
CA ARG A 3 -26.24 4.54 11.12
C ARG A 3 -26.10 3.01 10.90
N ALA A 4 -24.99 2.63 10.26
CA ALA A 4 -24.58 1.25 10.17
C ALA A 4 -23.18 1.16 10.74
N GLU A 5 -23.03 0.29 11.71
CA GLU A 5 -21.78 0.06 12.38
C GLU A 5 -21.23 -1.31 11.92
N ILE A 6 -19.92 -1.41 11.81
CA ILE A 6 -19.27 -2.59 11.27
C ILE A 6 -18.06 -2.86 12.14
N LEU A 7 -18.01 -4.04 12.77
CA LEU A 7 -16.90 -4.43 13.66
C LEU A 7 -16.19 -5.71 13.18
N GLY A 8 -14.86 -5.64 13.04
CA GLY A 8 -14.03 -6.80 12.74
C GLY A 8 -13.37 -7.26 14.03
N VAL A 9 -13.61 -8.52 14.39
CA VAL A 9 -13.09 -9.06 15.69
C VAL A 9 -11.87 -9.91 15.43
N GLY A 10 -10.79 -9.58 16.11
CA GLY A 10 -9.56 -10.33 16.01
C GLY A 10 -8.40 -9.46 16.35
N THR A 11 -7.65 -9.87 17.34
CA THR A 11 -6.49 -9.11 17.81
C THR A 11 -5.43 -8.94 16.69
N GLU A 12 -5.29 -9.91 15.79
CA GLU A 12 -4.29 -9.80 14.71
C GLU A 12 -4.66 -8.72 13.65
N LEU A 13 -5.95 -8.43 13.49
CA LEU A 13 -6.42 -7.35 12.59
C LEU A 13 -5.92 -5.97 13.07
N LEU A 14 -5.82 -5.80 14.40
CA LEU A 14 -5.28 -4.58 15.01
C LEU A 14 -3.89 -4.29 14.53
N TYR A 15 -3.06 -5.33 14.45
CA TYR A 15 -1.61 -5.16 14.22
C TYR A 15 -1.30 -5.36 12.74
N GLY A 16 -2.36 -5.68 11.99
CA GLY A 16 -2.22 -5.91 10.54
C GLY A 16 -1.47 -7.20 10.22
N GLU A 17 -1.49 -8.16 11.13
CA GLU A 17 -0.88 -9.45 10.89
C GLU A 17 -1.75 -10.17 9.86
N THR A 18 -3.07 -10.12 10.06
CA THR A 18 -4.00 -10.30 8.95
C THR A 18 -4.51 -8.91 8.58
N LEU A 19 -4.42 -8.56 7.31
CA LEU A 19 -5.01 -7.33 6.76
C LEU A 19 -6.55 -7.35 6.84
N ASP A 20 -7.15 -6.40 7.55
CA ASP A 20 -8.63 -6.32 7.63
C ASP A 20 -9.24 -5.75 6.35
N THR A 21 -9.69 -6.62 5.46
CA THR A 21 -10.45 -6.18 4.28
C THR A 21 -11.98 -6.42 4.44
N ASN A 22 -12.37 -7.28 5.38
CA ASN A 22 -13.81 -7.57 5.63
C ASN A 22 -14.67 -6.32 5.94
N THR A 23 -14.20 -5.49 6.88
CA THR A 23 -15.01 -4.32 7.26
C THR A 23 -15.28 -3.37 6.07
N ALA A 24 -14.20 -3.07 5.31
CA ALA A 24 -14.33 -2.24 4.13
C ALA A 24 -15.29 -2.90 3.09
N GLU A 25 -15.15 -4.20 2.91
CA GLU A 25 -15.97 -4.93 1.93
C GLU A 25 -17.47 -4.94 2.37
N ILE A 26 -17.71 -5.12 3.66
CA ILE A 26 -19.07 -5.01 4.18
C ILE A 26 -19.56 -3.58 3.97
N ALA A 27 -18.70 -2.59 4.27
CA ALA A 27 -19.07 -1.17 4.09
C ALA A 27 -19.48 -0.85 2.62
N ARG A 28 -18.72 -1.37 1.65
CA ARG A 28 -19.07 -1.14 0.23
C ARG A 28 -20.41 -1.77 -0.16
N SER A 29 -20.72 -2.92 0.45
CA SER A 29 -21.98 -3.64 0.15
C SER A 29 -23.22 -2.82 0.61
N LEU A 30 -23.01 -1.94 1.60
CA LEU A 30 -24.05 -1.08 2.12
C LEU A 30 -24.36 0.19 1.30
N LYS A 31 -23.58 0.42 0.25
CA LYS A 31 -23.78 1.62 -0.56
C LYS A 31 -25.19 1.83 -1.13
N PRO A 32 -25.87 0.78 -1.60
CA PRO A 32 -27.19 1.05 -2.18
C PRO A 32 -28.29 1.37 -1.14
N TYR A 33 -27.93 1.42 0.13
CA TYR A 33 -28.88 1.66 1.21
C TYR A 33 -28.64 2.99 1.88
N ALA A 34 -29.74 3.64 2.28
CA ALA A 34 -29.70 4.94 2.94
C ALA A 34 -29.25 4.86 4.37
N LEU A 35 -28.03 4.39 4.60
CA LEU A 35 -27.43 4.31 5.95
C LEU A 35 -26.06 4.99 5.96
N LYS A 36 -25.64 5.53 7.09
CA LYS A 36 -24.37 6.26 7.15
C LYS A 36 -23.35 5.39 7.85
N VAL A 37 -22.22 5.16 7.22
CA VAL A 37 -21.11 4.53 7.93
C VAL A 37 -20.17 5.65 8.34
N GLU A 38 -20.21 5.98 9.63
CA GLU A 38 -19.40 7.05 10.20
C GLU A 38 -18.02 6.54 10.58
N ARG A 39 -17.93 5.26 10.91
CA ARG A 39 -16.72 4.61 11.37
C ARG A 39 -16.79 3.10 11.16
N THR A 40 -15.61 2.45 11.16
CA THR A 40 -15.53 1.00 11.31
C THR A 40 -14.54 0.73 12.45
N LEU A 41 -14.67 -0.41 13.13
CA LEU A 41 -13.77 -0.81 14.20
C LEU A 41 -13.06 -2.11 13.94
N ARG A 42 -11.88 -2.27 14.51
CA ARG A 42 -11.27 -3.58 14.72
C ARG A 42 -11.17 -3.72 16.22
N VAL A 43 -11.58 -4.87 16.76
CA VAL A 43 -11.61 -5.08 18.22
C VAL A 43 -10.85 -6.35 18.56
N ALA A 44 -10.06 -6.30 19.62
CA ALA A 44 -9.31 -7.46 20.12
C ALA A 44 -10.24 -8.57 20.61
N ASP A 45 -9.70 -9.78 20.65
CA ASP A 45 -10.47 -10.93 21.15
C ASP A 45 -10.52 -10.91 22.69
N GLU A 46 -11.43 -10.12 23.26
CA GLU A 46 -11.63 -10.00 24.73
C GLU A 46 -13.07 -9.61 24.96
N VAL A 47 -13.72 -10.46 25.72
CA VAL A 47 -15.13 -10.42 25.84
C VAL A 47 -15.68 -9.08 26.40
N ALA A 48 -14.99 -8.49 27.38
CA ALA A 48 -15.55 -7.30 28.07
C ALA A 48 -15.41 -6.06 27.16
N PRO A 49 -14.19 -5.80 26.65
CA PRO A 49 -14.11 -4.66 25.69
C PRO A 49 -15.05 -4.86 24.50
N LEU A 50 -15.17 -6.11 24.01
CA LEU A 50 -15.99 -6.34 22.83
C LEU A 50 -17.46 -6.13 23.11
N ALA A 51 -17.91 -6.65 24.25
CA ALA A 51 -19.30 -6.45 24.67
C ALA A 51 -19.66 -4.95 24.78
N ARG A 52 -18.77 -4.19 25.37
CA ARG A 52 -18.93 -2.73 25.44
C ARG A 52 -19.05 -2.15 24.02
N GLU A 53 -18.16 -2.56 23.11
CA GLU A 53 -18.20 -1.97 21.76
C GLU A 53 -19.50 -2.33 21.07
N VAL A 54 -19.92 -3.60 21.24
CA VAL A 54 -21.17 -4.04 20.59
C VAL A 54 -22.37 -3.28 21.21
N GLU A 55 -22.32 -3.12 22.52
CA GLU A 55 -23.43 -2.43 23.21
C GLU A 55 -23.56 -1.01 22.68
N GLU A 56 -22.44 -0.28 22.60
CA GLU A 56 -22.48 1.10 22.07
C GLU A 56 -22.90 1.18 20.61
N ALA A 57 -22.35 0.29 19.78
CA ALA A 57 -22.67 0.29 18.35
C ALA A 57 -24.16 0.03 18.11
N PHE A 58 -24.71 -0.92 18.85
CA PHE A 58 -26.13 -1.27 18.70
C PHE A 58 -27.09 -0.12 19.16
N ALA A 59 -26.79 0.52 20.27
CA ALA A 59 -27.59 1.70 20.71
C ALA A 59 -27.65 2.84 19.68
N ARG A 60 -26.55 3.08 18.95
CA ARG A 60 -26.53 4.21 18.01
C ARG A 60 -26.97 3.87 16.60
N ALA A 61 -27.07 2.58 16.26
CA ALA A 61 -27.26 2.12 14.84
C ALA A 61 -28.59 1.46 14.48
N ARG A 62 -29.00 1.60 13.22
CA ARG A 62 -30.03 0.80 12.58
C ARG A 62 -29.53 -0.63 12.26
N LEU A 63 -28.21 -0.75 12.12
CA LEU A 63 -27.59 -2.01 11.70
C LEU A 63 -26.20 -2.15 12.26
N VAL A 64 -25.92 -3.30 12.87
CA VAL A 64 -24.59 -3.63 13.36
C VAL A 64 -24.14 -4.96 12.69
N VAL A 65 -22.96 -4.97 12.05
CA VAL A 65 -22.41 -6.17 11.45
C VAL A 65 -21.08 -6.54 12.10
N LEU A 66 -21.00 -7.74 12.63
CA LEU A 66 -19.75 -8.28 13.16
C LEU A 66 -19.22 -9.42 12.27
N SER A 67 -17.90 -9.48 12.20
CA SER A 67 -17.19 -10.37 11.33
C SER A 67 -16.04 -10.96 12.13
N GLY A 68 -16.04 -12.30 12.28
CA GLY A 68 -14.92 -12.96 12.96
C GLY A 68 -15.14 -13.32 14.44
N GLY A 69 -14.26 -14.17 14.94
CA GLY A 69 -14.32 -14.65 16.30
C GLY A 69 -15.43 -15.63 16.56
N LEU A 70 -15.87 -16.31 15.49
CA LEU A 70 -16.89 -17.37 15.63
C LEU A 70 -16.35 -18.81 15.73
N GLY A 71 -15.05 -18.97 15.92
CA GLY A 71 -14.47 -20.32 16.00
C GLY A 71 -14.65 -21.01 17.36
N PRO A 72 -13.77 -22.00 17.64
CA PRO A 72 -13.87 -22.90 18.79
C PRO A 72 -12.84 -22.65 19.91
N THR A 73 -11.78 -21.89 19.59
CA THR A 73 -10.70 -21.40 20.50
C THR A 73 -11.18 -20.60 21.74
N PRO A 74 -10.34 -20.52 22.79
CA PRO A 74 -10.73 -19.61 23.88
C PRO A 74 -10.79 -18.14 23.41
N ASP A 75 -10.04 -17.82 22.37
CA ASP A 75 -10.03 -16.51 21.75
C ASP A 75 -11.18 -16.21 20.80
N ASP A 76 -12.16 -17.12 20.68
CA ASP A 76 -13.38 -16.88 19.91
C ASP A 76 -14.59 -16.52 20.82
N VAL A 77 -14.82 -15.21 21.05
CA VAL A 77 -15.72 -14.78 22.13
C VAL A 77 -16.80 -13.86 21.69
N THR A 78 -16.97 -13.73 20.39
CA THR A 78 -17.96 -12.84 19.86
C THR A 78 -19.40 -13.17 20.29
N ARG A 79 -19.77 -14.46 20.22
CA ARG A 79 -21.13 -14.89 20.58
C ARG A 79 -21.49 -14.43 22.00
N GLU A 80 -20.60 -14.73 22.94
CA GLU A 80 -20.71 -14.25 24.32
C GLU A 80 -20.96 -12.75 24.38
N ALA A 81 -20.08 -11.98 23.72
CA ALA A 81 -20.01 -10.53 23.89
C ALA A 81 -21.32 -9.98 23.45
N VAL A 82 -21.86 -10.54 22.37
CA VAL A 82 -23.10 -10.05 21.79
C VAL A 82 -24.23 -10.40 22.75
N ALA A 83 -24.16 -11.60 23.31
CA ALA A 83 -25.19 -12.08 24.24
C ALA A 83 -25.18 -11.14 25.48
N LEU A 84 -24.01 -10.93 26.04
CA LEU A 84 -23.82 -9.92 27.08
C LEU A 84 -24.33 -8.49 26.70
N ALA A 85 -23.85 -7.93 25.60
CA ALA A 85 -24.25 -6.61 25.18
C ALA A 85 -25.76 -6.42 24.98
N LEU A 86 -26.46 -7.46 24.55
CA LEU A 86 -27.89 -7.29 24.18
C LEU A 86 -28.86 -7.76 25.29
N GLY A 87 -28.29 -8.26 26.39
CA GLY A 87 -29.12 -8.63 27.56
C GLY A 87 -30.02 -9.82 27.30
N GLU A 88 -29.46 -10.87 26.66
CA GLU A 88 -30.15 -12.15 26.37
C GLU A 88 -29.19 -13.31 26.69
N PRO A 89 -29.73 -14.49 27.08
CA PRO A 89 -28.84 -15.61 27.43
C PRO A 89 -28.55 -16.50 26.22
N LEU A 90 -27.43 -17.19 26.28
CA LEU A 90 -27.04 -18.15 25.25
C LEU A 90 -27.79 -19.47 25.40
N GLU A 91 -28.47 -19.90 24.35
CA GLU A 91 -29.30 -21.12 24.35
C GLU A 91 -28.85 -22.13 23.29
N LEU A 92 -28.65 -23.36 23.74
CA LEU A 92 -28.13 -24.44 22.89
C LEU A 92 -29.15 -25.00 21.90
N ASP A 93 -28.85 -24.95 20.59
CA ASP A 93 -29.77 -25.47 19.58
C ASP A 93 -29.32 -26.90 19.25
N GLU A 94 -30.09 -27.88 19.72
CA GLU A 94 -29.75 -29.34 19.62
C GLU A 94 -29.47 -29.81 18.20
N ALA A 95 -30.39 -29.45 17.30
CA ALA A 95 -30.22 -29.68 15.87
C ALA A 95 -28.86 -29.17 15.37
N VAL A 96 -28.59 -27.88 15.59
CA VAL A 96 -27.36 -27.25 15.09
C VAL A 96 -26.15 -28.03 15.59
N LEU A 97 -26.19 -28.39 16.87
CA LEU A 97 -25.19 -29.25 17.46
C LEU A 97 -25.06 -30.58 16.63
N GLY A 98 -26.19 -31.06 16.10
CA GLY A 98 -26.16 -32.23 15.21
C GLY A 98 -25.41 -31.98 13.90
N GLU A 99 -25.81 -30.88 13.24
CA GLU A 99 -25.23 -30.46 11.97
C GLU A 99 -23.73 -30.35 12.06
N ILE A 100 -23.23 -29.92 13.23
CA ILE A 100 -21.80 -29.72 13.46
C ILE A 100 -21.10 -31.06 13.65
N GLU A 101 -21.77 -32.00 14.33
CA GLU A 101 -21.25 -33.38 14.47
C GLU A 101 -21.12 -33.98 13.07
N ALA A 102 -22.15 -33.77 12.25
CA ALA A 102 -22.10 -34.24 10.85
C ALA A 102 -20.93 -33.65 10.08
N PHE A 103 -20.56 -32.39 10.37
CA PHE A 103 -19.43 -31.77 9.67
C PHE A 103 -18.14 -32.54 9.89
N PHE A 104 -17.88 -32.92 11.13
CA PHE A 104 -16.67 -33.66 11.50
C PHE A 104 -16.80 -35.15 11.14
N ARG A 105 -18.02 -35.69 11.26
CA ARG A 105 -18.31 -37.10 10.94
C ARG A 105 -18.07 -37.40 9.48
N ALA A 106 -18.30 -36.42 8.61
CA ALA A 106 -18.06 -36.54 7.15
C ALA A 106 -16.59 -36.41 6.80
N ARG A 107 -15.76 -36.14 7.82
CA ARG A 107 -14.31 -36.00 7.64
C ARG A 107 -13.54 -37.09 8.38
N GLY A 108 -14.25 -38.07 8.91
CA GLY A 108 -13.62 -39.16 9.67
C GLY A 108 -13.39 -38.92 11.16
N ARG A 109 -13.70 -37.71 11.64
CA ARG A 109 -13.38 -37.31 12.99
C ARG A 109 -14.65 -37.16 13.81
N ALA A 110 -14.54 -37.36 15.14
CA ALA A 110 -15.64 -37.03 16.04
C ALA A 110 -15.51 -35.52 16.33
N MET A 111 -16.63 -34.88 16.68
CA MET A 111 -16.67 -33.46 16.97
C MET A 111 -15.93 -33.15 18.28
N PRO A 112 -14.88 -32.28 18.23
CA PRO A 112 -14.24 -31.78 19.47
C PRO A 112 -15.25 -31.05 20.33
N GLU A 113 -15.09 -31.13 21.65
CA GLU A 113 -16.04 -30.51 22.57
C GLU A 113 -16.02 -28.98 22.48
N ALA A 114 -14.86 -28.42 22.15
CA ALA A 114 -14.69 -26.97 21.86
C ALA A 114 -15.73 -26.46 20.88
N ASN A 115 -16.07 -27.28 19.88
CA ASN A 115 -16.98 -26.83 18.85
C ASN A 115 -18.42 -26.74 19.31
N ARG A 116 -18.69 -27.27 20.51
CA ARG A 116 -20.03 -27.21 21.10
C ARG A 116 -20.54 -25.79 21.20
N LYS A 117 -19.62 -24.88 21.62
CA LYS A 117 -19.87 -23.41 21.67
C LYS A 117 -20.66 -22.91 20.48
N GLN A 118 -20.28 -23.43 19.29
CA GLN A 118 -20.76 -22.91 18.00
C GLN A 118 -22.23 -23.16 17.75
N ALA A 119 -22.87 -23.93 18.66
CA ALA A 119 -24.31 -24.20 18.55
C ALA A 119 -25.20 -23.35 19.49
N MET A 120 -24.62 -22.31 20.10
CA MET A 120 -25.37 -21.34 20.96
C MET A 120 -25.96 -20.15 20.17
N ARG A 121 -27.20 -19.78 20.47
CA ARG A 121 -27.88 -18.62 19.89
C ARG A 121 -28.65 -17.94 21.03
N ILE A 122 -29.04 -16.71 20.81
CA ILE A 122 -29.87 -16.04 21.80
C ILE A 122 -31.30 -16.04 21.25
N PRO A 123 -32.31 -15.94 22.13
CA PRO A 123 -33.70 -15.98 21.71
C PRO A 123 -34.03 -15.09 20.52
N SER A 124 -33.38 -13.90 20.45
CA SER A 124 -33.66 -12.91 19.38
C SER A 124 -33.04 -13.29 18.02
N ALA A 125 -32.07 -14.24 18.05
CA ALA A 125 -31.33 -14.69 16.86
C ALA A 125 -31.98 -15.83 16.13
N THR A 126 -32.22 -15.67 14.82
CA THR A 126 -32.45 -16.79 13.91
C THR A 126 -31.14 -17.14 13.20
N TRP A 127 -30.97 -18.41 12.81
CA TRP A 127 -29.65 -18.92 12.34
C TRP A 127 -29.41 -18.52 10.95
N LEU A 128 -28.14 -18.36 10.60
CA LEU A 128 -27.77 -18.20 9.17
C LEU A 128 -26.89 -19.37 8.86
N LYS A 129 -27.37 -20.20 7.93
CA LYS A 129 -26.73 -21.47 7.55
C LYS A 129 -25.37 -21.19 6.97
N ASN A 130 -24.41 -22.03 7.38
CA ASN A 130 -23.06 -22.03 6.80
C ASN A 130 -22.62 -23.41 6.20
N PRO A 131 -23.09 -23.73 4.98
CA PRO A 131 -22.75 -25.06 4.39
C PRO A 131 -21.24 -25.21 4.04
N ARG A 132 -20.44 -24.17 4.28
CA ARG A 132 -19.06 -24.11 3.83
C ARG A 132 -18.05 -24.05 4.93
N GLY A 133 -18.50 -24.30 6.16
CA GLY A 133 -17.65 -24.25 7.35
C GLY A 133 -18.46 -24.63 8.57
N THR A 134 -17.86 -24.53 9.75
CA THR A 134 -18.48 -25.02 10.99
C THR A 134 -19.51 -24.11 11.65
N ALA A 135 -19.20 -22.83 11.78
CA ALA A 135 -20.08 -21.94 12.56
C ALA A 135 -21.14 -21.29 11.71
N PRO A 136 -22.42 -21.52 12.05
CA PRO A 136 -23.46 -20.69 11.42
C PRO A 136 -23.40 -19.28 12.05
N GLY A 137 -23.95 -18.28 11.37
CA GLY A 137 -24.04 -16.93 11.94
C GLY A 137 -25.37 -16.67 12.59
N TRP A 138 -25.58 -15.41 13.05
CA TRP A 138 -26.87 -14.91 13.53
C TRP A 138 -27.44 -13.75 12.77
N TRP A 139 -28.78 -13.74 12.65
CA TRP A 139 -29.56 -12.54 12.37
C TRP A 139 -30.45 -12.24 13.53
N VAL A 140 -30.18 -11.11 14.20
CA VAL A 140 -30.98 -10.64 15.35
C VAL A 140 -31.76 -9.42 14.98
N ARG A 141 -33.08 -9.46 15.23
CA ARG A 141 -33.99 -8.33 14.98
C ARG A 141 -34.54 -7.96 16.35
N LYS A 142 -34.50 -6.68 16.66
CA LYS A 142 -34.74 -6.25 18.03
C LYS A 142 -34.90 -4.74 18.08
N GLY A 143 -36.08 -4.31 18.50
CA GLY A 143 -36.34 -2.92 18.68
C GLY A 143 -36.26 -2.20 17.38
N GLY A 144 -36.70 -2.85 16.32
CA GLY A 144 -36.62 -2.28 15.00
C GLY A 144 -35.20 -2.20 14.43
N LYS A 145 -34.23 -2.85 15.09
CA LYS A 145 -32.82 -2.85 14.69
C LYS A 145 -32.36 -4.26 14.26
N ASP A 146 -31.28 -4.33 13.49
CA ASP A 146 -30.71 -5.61 13.04
C ASP A 146 -29.26 -5.73 13.42
N LEU A 147 -28.91 -6.90 13.92
CA LEU A 147 -27.53 -7.22 14.26
C LEU A 147 -27.21 -8.56 13.60
N VAL A 148 -26.04 -8.64 12.94
CA VAL A 148 -25.60 -9.83 12.22
C VAL A 148 -24.20 -10.26 12.60
N LEU A 149 -24.04 -11.53 12.97
CA LEU A 149 -22.76 -12.15 13.21
C LEU A 149 -22.35 -13.01 11.98
N LEU A 150 -21.16 -12.73 11.47
CA LEU A 150 -20.63 -13.42 10.29
C LEU A 150 -19.32 -14.09 10.66
N PRO A 151 -19.04 -15.25 10.05
CA PRO A 151 -17.72 -15.86 10.25
C PRO A 151 -16.64 -14.99 9.61
N GLY A 152 -15.41 -15.12 10.07
CA GLY A 152 -14.31 -14.38 9.51
C GLY A 152 -13.87 -14.66 8.07
N PRO A 153 -13.71 -15.96 7.69
CA PRO A 153 -13.19 -16.28 6.31
C PRO A 153 -14.14 -15.88 5.17
N PRO A 154 -13.64 -15.14 4.16
CA PRO A 154 -14.52 -14.62 3.12
C PRO A 154 -15.33 -15.66 2.32
N PRO A 155 -14.71 -16.81 1.94
CA PRO A 155 -15.52 -17.78 1.20
C PRO A 155 -16.67 -18.28 2.03
N GLU A 156 -16.55 -18.13 3.34
CA GLU A 156 -17.65 -18.53 4.21
C GLU A 156 -18.69 -17.41 4.35
N TRP A 157 -18.24 -16.20 4.70
CA TRP A 157 -19.22 -15.16 4.99
C TRP A 157 -19.90 -14.52 3.80
N ARG A 158 -19.19 -14.37 2.67
CA ARG A 158 -19.76 -13.71 1.48
C ARG A 158 -21.12 -14.29 1.05
N PRO A 159 -21.20 -15.62 0.78
CA PRO A 159 -22.53 -16.16 0.46
C PRO A 159 -23.60 -15.86 1.58
N MET A 160 -23.23 -16.02 2.82
CA MET A 160 -24.18 -15.79 3.91
C MET A 160 -24.72 -14.34 3.91
N TRP A 161 -23.79 -13.40 3.80
CA TRP A 161 -24.12 -12.00 3.81
C TRP A 161 -24.96 -11.64 2.61
N GLN A 162 -24.62 -12.23 1.48
CA GLN A 162 -25.36 -11.95 0.23
C GLN A 162 -26.84 -12.38 0.31
N GLU A 163 -27.10 -13.44 1.07
CA GLU A 163 -28.46 -13.99 1.19
C GLU A 163 -29.29 -13.17 2.21
N VAL A 164 -28.72 -12.93 3.40
CA VAL A 164 -29.41 -12.15 4.45
C VAL A 164 -29.59 -10.63 4.20
N LEU A 165 -28.63 -10.01 3.52
CA LEU A 165 -28.69 -8.54 3.35
C LEU A 165 -30.06 -8.05 2.76
N PRO A 166 -30.55 -8.68 1.66
CA PRO A 166 -31.80 -8.19 1.05
C PRO A 166 -33.05 -8.49 1.89
N ARG A 167 -32.89 -9.15 3.04
CA ARG A 167 -33.99 -9.47 3.90
C ARG A 167 -34.11 -8.52 5.10
N LEU A 168 -33.08 -7.70 5.33
CA LEU A 168 -33.01 -6.89 6.54
C LEU A 168 -34.04 -5.79 6.56
N GLY A 169 -34.50 -5.41 5.38
CA GLY A 169 -35.48 -4.36 5.26
C GLY A 169 -34.86 -2.97 5.37
N LEU A 170 -33.62 -2.83 4.93
CA LEU A 170 -32.92 -1.54 5.00
C LEU A 170 -33.49 -0.56 4.03
N PRO A 171 -33.49 0.72 4.41
CA PRO A 171 -34.02 1.70 3.47
C PRO A 171 -33.10 1.71 2.25
N ARG A 172 -33.69 1.84 1.07
CA ARG A 172 -32.92 1.84 -0.12
C ARG A 172 -32.70 3.27 -0.59
N ARG A 173 -31.60 3.52 -1.28
CA ARG A 173 -31.29 4.83 -1.81
C ARG A 173 -30.50 4.64 -3.09
N PRO A 174 -31.05 5.09 -4.21
CA PRO A 174 -30.35 4.98 -5.48
C PRO A 174 -29.00 5.70 -5.33
N TYR A 175 -27.91 4.93 -5.43
CA TYR A 175 -26.57 5.41 -5.20
C TYR A 175 -25.77 5.45 -6.50
N ALA A 176 -24.95 6.47 -6.65
CA ALA A 176 -23.91 6.42 -7.64
C ALA A 176 -22.56 6.97 -7.06
N GLU A 177 -21.45 6.66 -7.73
CA GLU A 177 -20.22 7.34 -7.48
C GLU A 177 -19.42 7.51 -8.75
N ARG A 178 -18.63 8.57 -8.76
CA ARG A 178 -17.78 8.90 -9.90
C ARG A 178 -16.38 9.23 -9.40
N VAL A 179 -15.37 8.61 -10.00
CA VAL A 179 -13.98 8.85 -9.63
C VAL A 179 -13.23 9.49 -10.80
N LEU A 180 -12.71 10.68 -10.58
CA LEU A 180 -11.94 11.39 -11.60
C LEU A 180 -10.48 11.37 -11.17
N LYS A 181 -9.61 10.96 -12.07
CA LYS A 181 -8.19 10.91 -11.76
C LYS A 181 -7.45 12.03 -12.47
N THR A 182 -6.83 12.94 -11.71
CA THR A 182 -6.16 14.08 -12.32
C THR A 182 -4.63 13.98 -12.21
N TRP A 183 -3.95 14.79 -13.01
CA TRP A 183 -2.52 14.97 -12.83
C TRP A 183 -2.13 16.41 -13.09
N GLY A 184 -1.14 16.90 -12.33
CA GLY A 184 -0.50 18.17 -12.64
C GLY A 184 -1.21 19.33 -11.94
N ILE A 185 -2.06 18.99 -10.97
CA ILE A 185 -2.81 20.01 -10.25
C ILE A 185 -2.92 19.64 -8.77
N GLY A 186 -2.62 20.59 -7.87
CA GLY A 186 -2.62 20.32 -6.45
C GLY A 186 -4.03 20.38 -5.83
N GLU A 187 -4.17 19.87 -4.62
CA GLU A 187 -5.41 19.98 -3.91
C GLU A 187 -5.93 21.43 -3.68
N SER A 188 -5.01 22.34 -3.36
CA SER A 188 -5.45 23.69 -3.11
C SER A 188 -5.99 24.34 -4.37
N GLU A 189 -5.39 24.05 -5.54
CA GLU A 189 -5.90 24.65 -6.78
C GLU A 189 -7.26 24.05 -7.13
N ILE A 190 -7.42 22.76 -6.87
CA ILE A 190 -8.72 22.10 -7.11
C ILE A 190 -9.82 22.75 -6.25
N VAL A 191 -9.53 22.95 -4.96
CA VAL A 191 -10.47 23.65 -4.07
C VAL A 191 -10.90 25.00 -4.68
N GLU A 192 -9.92 25.80 -5.10
CA GLU A 192 -10.21 27.14 -5.67
C GLU A 192 -11.06 27.06 -6.95
N ARG A 193 -10.69 26.16 -7.86
CA ARG A 193 -11.42 26.01 -9.08
C ARG A 193 -12.87 25.54 -8.89
N LEU A 194 -13.08 24.66 -7.92
CA LEU A 194 -14.40 24.05 -7.76
C LEU A 194 -15.30 25.02 -7.03
N GLY A 195 -14.75 25.76 -6.08
CA GLY A 195 -15.56 26.71 -5.36
C GLY A 195 -16.70 25.95 -4.69
N PRO A 196 -17.96 26.45 -4.86
CA PRO A 196 -19.11 25.85 -4.17
C PRO A 196 -19.48 24.48 -4.78
N LEU A 197 -18.78 24.03 -5.83
CA LEU A 197 -18.97 22.69 -6.35
C LEU A 197 -18.41 21.60 -5.38
N PHE A 198 -17.62 22.01 -4.40
CA PHE A 198 -17.03 21.10 -3.46
C PHE A 198 -18.06 20.87 -2.32
N VAL A 199 -19.19 20.26 -2.69
CA VAL A 199 -20.36 20.09 -1.85
C VAL A 199 -20.09 18.98 -0.85
N ARG A 200 -20.36 19.24 0.42
CA ARG A 200 -20.38 18.14 1.42
C ARG A 200 -21.68 18.17 2.24
N GLU A 201 -22.65 17.35 1.84
CA GLU A 201 -23.99 17.37 2.42
C GLU A 201 -24.38 15.95 2.64
N GLU A 202 -25.52 15.73 3.28
CA GLU A 202 -25.96 14.33 3.44
C GLU A 202 -26.39 13.64 2.13
N GLU A 203 -27.00 14.36 1.22
CA GLU A 203 -27.39 13.73 -0.05
C GLU A 203 -26.21 13.33 -0.93
N VAL A 204 -25.16 14.15 -0.92
CA VAL A 204 -24.06 13.98 -1.89
C VAL A 204 -22.80 14.64 -1.34
N GLU A 205 -21.66 14.01 -1.60
CA GLU A 205 -20.40 14.63 -1.19
C GLU A 205 -19.28 14.48 -2.22
N VAL A 206 -18.39 15.47 -2.18
CA VAL A 206 -17.20 15.55 -3.00
C VAL A 206 -16.01 15.37 -2.08
N GLY A 207 -15.06 14.51 -2.48
CA GLY A 207 -13.81 14.35 -1.74
C GLY A 207 -12.59 14.36 -2.65
N THR A 208 -11.43 14.78 -2.09
CA THR A 208 -10.13 14.71 -2.83
C THR A 208 -9.10 13.84 -2.05
N TYR A 209 -8.31 13.10 -2.81
CA TYR A 209 -7.44 12.07 -2.24
C TYR A 209 -6.12 12.19 -3.01
N PRO A 210 -5.11 12.75 -2.37
CA PRO A 210 -3.82 12.92 -3.00
C PRO A 210 -3.07 11.60 -3.09
N LYS A 211 -2.76 11.15 -4.29
CA LYS A 211 -2.02 9.91 -4.51
C LYS A 211 -0.72 10.18 -5.19
N VAL A 212 0.18 9.19 -5.19
CA VAL A 212 1.45 9.38 -5.96
C VAL A 212 1.18 9.55 -7.46
N HIS A 213 0.03 9.01 -7.93
CA HIS A 213 -0.39 9.15 -9.34
C HIS A 213 -1.31 10.34 -9.61
N GLY A 214 -1.35 11.29 -8.70
CA GLY A 214 -2.19 12.47 -8.91
C GLY A 214 -3.40 12.55 -7.96
N VAL A 215 -4.05 13.72 -7.93
CA VAL A 215 -5.17 13.92 -7.08
C VAL A 215 -6.40 13.23 -7.63
N GLU A 216 -6.96 12.33 -6.84
CA GLU A 216 -8.24 11.73 -7.19
C GLU A 216 -9.39 12.57 -6.59
N VAL A 217 -10.42 12.80 -7.40
CA VAL A 217 -11.63 13.45 -6.95
C VAL A 217 -12.80 12.49 -7.03
N VAL A 218 -13.46 12.25 -5.88
CA VAL A 218 -14.61 11.36 -5.82
C VAL A 218 -15.91 12.13 -5.47
N VAL A 219 -16.91 11.94 -6.31
CA VAL A 219 -18.27 12.34 -6.00
C VAL A 219 -19.13 11.09 -5.71
N ARG A 220 -19.81 11.08 -4.55
CA ARG A 220 -20.62 9.94 -4.13
C ARG A 220 -21.96 10.36 -3.47
N GLY A 221 -22.99 9.55 -3.67
CA GLY A 221 -24.24 9.70 -2.93
C GLY A 221 -25.44 9.46 -3.82
N ARG A 222 -26.49 10.25 -3.63
CA ARG A 222 -27.74 10.14 -4.42
C ARG A 222 -27.43 10.17 -5.90
N GLU A 223 -27.89 9.14 -6.59
CA GLU A 223 -27.67 8.97 -8.03
C GLU A 223 -28.00 10.22 -8.85
N ASP A 224 -29.14 10.83 -8.57
CA ASP A 224 -29.57 12.01 -9.33
C ASP A 224 -28.70 13.25 -9.07
N ARG A 225 -28.12 13.36 -7.89
CA ARG A 225 -27.23 14.47 -7.60
C ARG A 225 -25.83 14.20 -8.12
N VAL A 226 -25.44 12.92 -8.21
CA VAL A 226 -24.03 12.59 -8.48
C VAL A 226 -23.69 12.88 -9.93
N ALA A 227 -24.53 12.41 -10.84
CA ALA A 227 -24.26 12.54 -12.28
C ALA A 227 -23.94 13.99 -12.69
N GLU A 228 -24.84 14.89 -12.36
CA GLU A 228 -24.74 16.30 -12.74
C GLU A 228 -23.61 17.04 -12.04
N LEU A 229 -23.52 16.84 -10.73
CA LEU A 229 -22.45 17.47 -10.01
C LEU A 229 -21.04 16.99 -10.57
N ALA A 230 -20.91 15.68 -10.77
CA ALA A 230 -19.62 15.08 -11.23
C ALA A 230 -19.25 15.66 -12.57
N GLU A 231 -20.26 15.81 -13.42
CA GLU A 231 -20.07 16.37 -14.76
C GLU A 231 -19.59 17.83 -14.70
N ARG A 232 -20.18 18.63 -13.82
CA ARG A 232 -19.76 20.01 -13.67
C ARG A 232 -18.28 20.08 -13.25
N ILE A 233 -17.95 19.29 -12.21
CA ILE A 233 -16.58 19.15 -11.74
C ILE A 233 -15.64 18.69 -12.86
N LYS A 234 -16.00 17.66 -13.63
CA LYS A 234 -15.15 17.20 -14.71
C LYS A 234 -14.85 18.37 -15.67
N LYS A 235 -15.88 19.15 -15.97
CA LYS A 235 -15.75 20.34 -16.86
C LYS A 235 -14.68 21.32 -16.31
N LYS A 236 -14.79 21.70 -15.04
CA LYS A 236 -13.78 22.53 -14.38
C LYS A 236 -12.37 21.97 -14.42
N LEU A 237 -12.24 20.63 -14.35
CA LEU A 237 -10.92 19.94 -14.31
C LEU A 237 -10.47 19.29 -15.63
N LEU A 238 -11.14 19.65 -16.71
CA LEU A 238 -11.05 18.89 -17.94
C LEU A 238 -9.66 18.55 -18.41
N LYS A 239 -8.82 19.55 -18.64
CA LYS A 239 -7.48 19.23 -19.17
C LYS A 239 -6.57 18.43 -18.24
N GLU A 240 -6.89 18.41 -16.95
CA GLU A 240 -6.07 17.68 -15.99
C GLU A 240 -6.59 16.22 -15.70
N VAL A 241 -7.84 15.92 -16.06
CA VAL A 241 -8.36 14.55 -15.86
C VAL A 241 -7.79 13.60 -16.93
N TRP A 242 -7.05 12.56 -16.50
CA TRP A 242 -6.54 11.59 -17.44
C TRP A 242 -7.32 10.28 -17.52
N GLY A 243 -8.13 9.98 -16.50
CA GLY A 243 -8.95 8.76 -16.48
C GLY A 243 -10.09 8.81 -15.47
N GLU A 244 -10.96 7.79 -15.56
CA GLU A 244 -12.07 7.64 -14.63
C GLU A 244 -12.11 6.26 -14.11
N GLY A 245 -12.90 6.06 -13.06
CA GLY A 245 -13.14 4.73 -12.55
C GLY A 245 -11.87 3.92 -12.29
N GLU A 246 -11.79 2.77 -12.93
CA GLU A 246 -10.73 1.78 -12.70
C GLU A 246 -9.47 2.12 -13.48
N MET A 247 -9.56 3.10 -14.36
CA MET A 247 -8.46 3.43 -15.31
C MET A 247 -7.13 3.64 -14.53
N THR A 248 -6.01 3.17 -15.09
CA THR A 248 -4.65 3.49 -14.54
C THR A 248 -3.82 4.18 -15.58
N LEU A 249 -2.79 4.93 -15.16
CA LEU A 249 -1.93 5.64 -16.12
C LEU A 249 -1.33 4.69 -17.15
N ALA A 250 -0.90 3.52 -16.71
CA ALA A 250 -0.19 2.60 -17.61
C ALA A 250 -1.21 2.09 -18.65
N GLU A 251 -2.44 1.82 -18.19
CA GLU A 251 -3.53 1.40 -19.07
C GLU A 251 -3.88 2.54 -20.04
N ALA A 252 -3.86 3.78 -19.53
CA ALA A 252 -4.13 4.93 -20.39
C ALA A 252 -3.05 5.07 -21.48
N VAL A 253 -1.79 4.82 -21.12
CA VAL A 253 -0.73 4.94 -22.12
C VAL A 253 -0.89 3.83 -23.20
N LYS A 254 -1.18 2.62 -22.75
CA LYS A 254 -1.51 1.49 -23.64
C LYS A 254 -2.63 1.84 -24.67
N ARG A 255 -3.71 2.46 -24.21
CA ARG A 255 -4.81 2.88 -25.12
C ARG A 255 -4.34 3.87 -26.19
N ARG A 256 -3.52 4.86 -25.81
CA ARG A 256 -3.03 5.82 -26.80
C ARG A 256 -2.09 5.15 -27.82
N MET A 257 -1.19 4.26 -27.35
CA MET A 257 -0.30 3.55 -28.29
C MET A 257 -1.10 2.68 -29.27
N GLU A 258 -2.08 1.94 -28.78
CA GLU A 258 -2.91 1.06 -29.67
C GLU A 258 -3.71 1.89 -30.67
N ARG A 259 -4.26 3.04 -30.21
CA ARG A 259 -5.05 3.96 -31.01
C ARG A 259 -4.24 4.54 -32.21
N GLU A 260 -2.96 4.85 -31.97
CA GLU A 260 -2.10 5.44 -32.95
C GLU A 260 -1.31 4.38 -33.76
N GLY A 261 -1.30 3.13 -33.31
CA GLY A 261 -0.39 2.13 -33.89
C GLY A 261 1.08 2.44 -33.61
N ALA A 262 1.40 2.88 -32.40
CA ALA A 262 2.67 3.49 -32.09
C ALA A 262 3.44 2.66 -31.07
N THR A 263 4.75 2.85 -31.03
CA THR A 263 5.62 2.06 -30.11
C THR A 263 6.32 3.01 -29.14
N LEU A 264 6.81 2.43 -28.07
CA LEU A 264 7.36 3.21 -26.96
C LEU A 264 8.68 2.57 -26.50
N SER A 265 9.62 3.40 -26.07
CA SER A 265 10.79 2.92 -25.33
C SER A 265 11.13 3.90 -24.21
N THR A 266 12.07 3.52 -23.34
CA THR A 266 12.37 4.40 -22.15
C THR A 266 13.87 4.51 -21.88
N MET A 267 14.27 5.63 -21.28
CA MET A 267 15.60 5.70 -20.71
C MET A 267 15.49 6.28 -19.30
N GLU A 268 16.02 5.56 -18.32
CA GLU A 268 15.82 5.90 -16.92
C GLU A 268 17.13 6.07 -16.18
N SER A 269 17.19 7.13 -15.37
CA SER A 269 18.19 7.28 -14.30
C SER A 269 17.63 7.01 -12.88
N LEU A 270 17.10 8.02 -12.19
CA LEU A 270 16.71 7.83 -10.78
C LEU A 270 15.70 6.72 -10.54
N THR A 271 14.82 6.45 -11.50
CA THR A 271 13.76 5.46 -11.31
C THR A 271 14.27 4.05 -11.45
N GLY A 272 15.45 3.86 -12.04
CA GLY A 272 16.11 2.57 -12.02
C GLY A 272 15.45 1.39 -12.70
N GLY A 273 14.42 1.64 -13.52
CA GLY A 273 13.73 0.55 -14.24
C GLY A 273 12.25 0.53 -13.81
N LEU A 274 11.93 1.35 -12.79
CA LEU A 274 10.55 1.39 -12.25
C LEU A 274 9.55 1.88 -13.26
N LEU A 275 9.99 2.74 -14.16
CA LEU A 275 9.04 3.19 -15.23
C LEU A 275 8.68 2.05 -16.19
N GLY A 276 9.71 1.26 -16.56
CA GLY A 276 9.48 0.13 -17.50
C GLY A 276 8.64 -0.90 -16.81
N ALA A 277 8.86 -1.04 -15.51
CA ALA A 277 8.14 -2.03 -14.67
C ALA A 277 6.62 -1.67 -14.65
N GLU A 278 6.35 -0.37 -14.56
CA GLU A 278 4.97 0.14 -14.46
C GLU A 278 4.29 0.00 -15.79
N ILE A 279 4.99 0.35 -16.86
CA ILE A 279 4.46 0.18 -18.20
C ILE A 279 4.11 -1.31 -18.50
N THR A 280 5.02 -2.23 -18.11
CA THR A 280 4.79 -3.64 -18.40
C THR A 280 3.93 -4.34 -17.39
N ARG A 281 3.44 -3.62 -16.38
CA ARG A 281 2.43 -4.19 -15.46
C ARG A 281 1.20 -4.71 -16.20
N VAL A 282 0.83 -4.01 -17.26
CA VAL A 282 -0.40 -4.31 -18.00
C VAL A 282 -0.22 -5.41 -19.04
N PRO A 283 -1.07 -6.47 -18.96
CA PRO A 283 -1.03 -7.53 -19.99
C PRO A 283 -1.16 -6.95 -21.37
N GLY A 284 -0.35 -7.43 -22.32
CA GLY A 284 -0.40 -6.85 -23.67
C GLY A 284 0.55 -5.65 -23.90
N ALA A 285 1.40 -5.31 -22.92
CA ALA A 285 2.45 -4.28 -23.12
C ALA A 285 3.40 -4.57 -24.31
N SER A 286 3.63 -5.84 -24.65
CA SER A 286 4.63 -6.14 -25.71
C SER A 286 4.12 -5.78 -27.11
N ARG A 287 2.85 -5.45 -27.23
CA ARG A 287 2.37 -4.99 -28.53
C ARG A 287 2.91 -3.62 -28.88
N PHE A 288 3.34 -2.82 -27.88
CA PHE A 288 3.87 -1.44 -28.19
C PHE A 288 5.23 -1.14 -27.50
N TYR A 289 5.53 -1.80 -26.39
CA TYR A 289 6.72 -1.40 -25.63
C TYR A 289 7.90 -2.20 -26.11
N LEU A 290 8.86 -1.53 -26.74
CA LEU A 290 10.03 -2.20 -27.36
C LEU A 290 11.09 -2.55 -26.32
N GLY A 291 11.15 -1.74 -25.23
CA GLY A 291 12.07 -1.94 -24.13
C GLY A 291 12.67 -0.61 -23.66
N GLY A 292 13.80 -0.66 -22.95
CA GLY A 292 14.40 0.54 -22.44
C GLY A 292 15.75 0.23 -21.83
N VAL A 293 16.45 1.28 -21.41
CA VAL A 293 17.70 1.14 -20.71
C VAL A 293 17.62 1.92 -19.39
N VAL A 294 18.40 1.42 -18.44
CA VAL A 294 18.51 2.06 -17.16
C VAL A 294 19.95 2.53 -17.15
N SER A 295 20.14 3.85 -17.28
CA SER A 295 21.49 4.39 -17.44
C SER A 295 21.95 4.91 -16.05
N TYR A 296 22.31 4.00 -15.17
CA TYR A 296 22.50 4.41 -13.79
C TYR A 296 23.83 5.09 -13.54
N SER A 297 24.91 4.58 -14.13
CA SER A 297 26.23 5.18 -13.93
C SER A 297 26.47 6.23 -14.99
N VAL A 298 27.47 7.06 -14.76
CA VAL A 298 27.91 8.03 -15.79
C VAL A 298 28.37 7.33 -17.08
N GLY A 299 29.13 6.24 -16.94
CA GLY A 299 29.57 5.45 -18.08
C GLY A 299 28.39 4.93 -18.93
N ALA A 300 27.31 4.51 -18.27
CA ALA A 300 26.16 3.96 -19.00
C ALA A 300 25.37 5.11 -19.67
N LYS A 301 25.27 6.27 -19.00
CA LYS A 301 24.68 7.47 -19.61
C LYS A 301 25.40 7.85 -20.90
N ALA A 302 26.73 7.85 -20.87
CA ALA A 302 27.50 8.13 -22.10
C ALA A 302 27.32 7.02 -23.15
N ARG A 303 27.37 5.76 -22.70
CA ARG A 303 27.20 4.62 -23.63
C ARG A 303 25.87 4.68 -24.41
N PHE A 304 24.81 5.14 -23.75
CA PHE A 304 23.51 5.13 -24.39
C PHE A 304 23.11 6.48 -24.96
N GLY A 305 24.05 7.43 -25.05
CA GLY A 305 23.84 8.61 -25.90
C GLY A 305 23.76 9.96 -25.22
N VAL A 306 23.93 10.01 -23.92
CA VAL A 306 23.93 11.32 -23.29
C VAL A 306 25.24 12.03 -23.67
N PRO A 307 25.14 13.26 -24.24
CA PRO A 307 26.29 14.01 -24.68
C PRO A 307 27.31 14.22 -23.53
N GLN A 308 28.60 14.06 -23.82
CA GLN A 308 29.66 14.22 -22.79
C GLN A 308 29.57 15.56 -22.03
N ASP A 309 29.30 16.68 -22.73
CA ASP A 309 29.20 17.99 -22.04
C ASP A 309 28.02 18.05 -21.05
N LEU A 310 27.09 17.11 -21.09
CA LEU A 310 25.92 17.20 -20.19
C LEU A 310 26.10 16.34 -18.95
N LEU A 311 27.21 15.58 -18.90
CA LEU A 311 27.42 14.57 -17.85
C LEU A 311 27.70 15.24 -16.48
N SER A 312 28.15 16.48 -16.49
CA SER A 312 28.22 17.29 -15.27
C SER A 312 26.85 17.86 -14.81
N ARG A 313 25.81 17.73 -15.64
CA ARG A 313 24.50 18.22 -15.22
C ARG A 313 23.40 17.26 -15.77
N THR A 314 23.44 16.01 -15.29
CA THR A 314 22.47 15.01 -15.71
C THR A 314 21.09 15.36 -15.18
N VAL A 315 21.07 16.14 -14.09
CA VAL A 315 19.81 16.66 -13.54
C VAL A 315 19.48 18.03 -14.16
N SER A 316 18.89 18.00 -15.35
CA SER A 316 18.59 19.24 -16.05
C SER A 316 17.56 18.98 -17.13
N ALA A 317 16.93 20.04 -17.65
CA ALA A 317 15.97 19.84 -18.75
C ALA A 317 16.72 19.40 -20.03
N GLU A 318 17.86 20.02 -20.34
CA GLU A 318 18.68 19.64 -21.52
C GLU A 318 19.01 18.16 -21.49
N THR A 319 19.48 17.66 -20.36
CA THR A 319 19.75 16.21 -20.28
C THR A 319 18.52 15.35 -20.48
N ALA A 320 17.38 15.72 -19.88
CA ALA A 320 16.19 14.92 -20.04
C ALA A 320 15.84 14.81 -21.54
N ARG A 321 15.89 15.95 -22.24
CA ARG A 321 15.53 15.97 -23.64
C ARG A 321 16.45 15.02 -24.43
N ALA A 322 17.74 15.15 -24.15
CA ALA A 322 18.78 14.36 -24.80
C ALA A 322 18.53 12.85 -24.49
N MET A 323 18.21 12.53 -23.26
CA MET A 323 17.93 11.13 -22.94
C MET A 323 16.74 10.58 -23.74
N ALA A 324 15.65 11.36 -23.81
CA ALA A 324 14.45 10.88 -24.51
C ALA A 324 14.71 10.72 -26.01
N GLU A 325 15.43 11.68 -26.62
CA GLU A 325 15.80 11.62 -28.03
C GLU A 325 16.76 10.47 -28.33
N ALA A 326 17.69 10.17 -27.41
CA ALA A 326 18.61 9.05 -27.54
C ALA A 326 17.87 7.68 -27.53
N ALA A 327 16.94 7.48 -26.58
CA ALA A 327 16.21 6.23 -26.48
C ALA A 327 15.36 6.06 -27.74
N ARG A 328 14.78 7.16 -28.20
CA ARG A 328 13.97 7.11 -29.40
C ARG A 328 14.77 6.61 -30.62
N SER A 329 15.97 7.14 -30.77
CA SER A 329 16.86 6.78 -31.88
C SER A 329 17.41 5.38 -31.74
N LEU A 330 17.72 5.03 -30.51
CA LEU A 330 18.34 3.75 -30.19
C LEU A 330 17.37 2.59 -30.38
N PHE A 331 16.09 2.81 -30.10
CA PHE A 331 15.11 1.73 -30.20
C PHE A 331 14.26 1.83 -31.46
N GLY A 332 14.37 2.94 -32.18
CA GLY A 332 13.51 3.17 -33.36
C GLY A 332 12.04 3.24 -33.01
N SER A 333 11.68 3.70 -31.80
CA SER A 333 10.24 3.72 -31.38
C SER A 333 9.58 5.03 -31.79
N THR A 334 8.25 5.05 -31.85
CA THR A 334 7.52 6.26 -32.21
C THR A 334 7.74 7.29 -31.10
N TYR A 335 7.64 6.84 -29.83
CA TYR A 335 7.81 7.70 -28.68
C TYR A 335 8.90 7.18 -27.73
N ALA A 336 9.49 8.08 -26.93
CA ALA A 336 10.34 7.61 -25.87
C ALA A 336 10.19 8.51 -24.64
N LEU A 337 10.16 7.89 -23.46
CA LEU A 337 10.11 8.63 -22.20
C LEU A 337 11.43 8.56 -21.52
N ALA A 338 11.81 9.62 -20.80
CA ALA A 338 13.03 9.61 -19.98
C ALA A 338 12.81 10.15 -18.58
N THR A 339 13.57 9.64 -17.62
CA THR A 339 13.54 10.25 -16.29
C THR A 339 14.97 10.57 -15.86
N THR A 340 15.13 11.73 -15.18
CA THR A 340 16.40 12.11 -14.56
C THR A 340 16.14 13.02 -13.32
N GLY A 341 16.90 12.82 -12.25
CA GLY A 341 16.68 13.60 -11.07
C GLY A 341 17.32 13.10 -9.81
N VAL A 342 16.88 13.64 -8.69
CA VAL A 342 17.49 13.33 -7.38
C VAL A 342 16.45 12.63 -6.53
N ALA A 343 16.63 11.33 -6.30
CA ALA A 343 15.66 10.55 -5.52
C ALA A 343 15.70 10.92 -4.03
N GLY A 344 16.87 11.30 -3.55
CA GLY A 344 17.16 11.35 -2.11
C GLY A 344 17.77 10.03 -1.67
N PRO A 345 18.36 10.00 -0.47
CA PRO A 345 18.39 11.06 0.59
C PRO A 345 19.42 12.17 0.38
N ASP A 346 20.49 11.95 -0.39
CA ASP A 346 21.43 13.03 -0.65
C ASP A 346 21.18 13.88 -1.92
N PRO A 347 21.72 15.11 -1.94
CA PRO A 347 21.74 15.90 -3.17
C PRO A 347 22.64 15.33 -4.24
N LEU A 348 22.43 15.76 -5.48
CA LEU A 348 23.27 15.34 -6.55
C LEU A 348 23.45 16.54 -7.46
N GLU A 349 24.70 16.81 -7.79
CA GLU A 349 25.10 17.94 -8.61
C GLU A 349 24.68 19.27 -7.94
N GLY A 350 24.50 19.25 -6.63
CA GLY A 350 24.12 20.47 -5.90
C GLY A 350 22.62 20.66 -5.84
N GLU A 351 21.84 19.73 -6.41
CA GLU A 351 20.39 19.84 -6.45
C GLU A 351 19.80 18.96 -5.38
N PRO A 352 18.79 19.45 -4.66
CA PRO A 352 18.14 18.72 -3.56
C PRO A 352 17.24 17.57 -4.01
N PRO A 353 17.02 16.58 -3.11
CA PRO A 353 16.08 15.47 -3.34
C PRO A 353 14.75 16.01 -3.82
N GLY A 354 14.12 15.37 -4.84
CA GLY A 354 12.80 15.75 -5.29
C GLY A 354 12.83 16.54 -6.59
N THR A 355 14.02 17.06 -6.94
CA THR A 355 14.31 17.65 -8.22
C THR A 355 14.22 16.60 -9.35
N VAL A 356 13.22 16.73 -10.23
CA VAL A 356 12.98 15.68 -11.23
C VAL A 356 12.66 16.28 -12.59
N TYR A 357 13.26 15.74 -13.66
CA TYR A 357 12.85 16.15 -15.01
C TYR A 357 12.40 14.91 -15.78
N VAL A 358 11.27 15.00 -16.44
CA VAL A 358 10.77 13.86 -17.22
C VAL A 358 10.60 14.42 -18.64
N ALA A 359 10.93 13.62 -19.64
CA ALA A 359 10.83 14.12 -21.00
C ALA A 359 10.13 13.09 -21.91
N LEU A 360 9.58 13.58 -22.97
CA LEU A 360 8.93 12.76 -23.97
C LEU A 360 9.44 13.22 -25.30
N ALA A 361 9.92 12.27 -26.12
CA ALA A 361 10.30 12.56 -27.52
C ALA A 361 9.39 11.78 -28.43
N GLY A 362 8.94 12.46 -29.51
CA GLY A 362 8.09 11.80 -30.46
C GLY A 362 8.32 12.36 -31.88
N PRO A 363 7.42 12.01 -32.82
CA PRO A 363 7.61 12.31 -34.23
C PRO A 363 7.74 13.82 -34.49
N THR A 364 7.02 14.66 -33.75
CA THR A 364 7.07 16.12 -33.97
C THR A 364 8.03 16.90 -33.01
N GLY A 365 8.85 16.23 -32.22
CA GLY A 365 9.74 16.94 -31.32
C GLY A 365 9.71 16.36 -29.92
N ALA A 366 10.31 17.11 -28.97
CA ALA A 366 10.42 16.66 -27.58
C ALA A 366 9.95 17.70 -26.62
N GLU A 367 9.57 17.27 -25.41
CA GLU A 367 9.14 18.23 -24.36
C GLU A 367 9.61 17.73 -23.00
N VAL A 368 9.78 18.65 -22.06
CA VAL A 368 10.32 18.31 -20.74
C VAL A 368 9.47 18.98 -19.69
N ARG A 369 9.26 18.29 -18.58
CA ARG A 369 8.56 18.90 -17.45
C ARG A 369 9.39 18.77 -16.18
N ARG A 370 9.39 19.82 -15.35
CA ARG A 370 10.24 19.87 -14.17
C ARG A 370 9.38 19.79 -12.92
N TYR A 371 9.84 19.06 -11.91
CA TYR A 371 9.07 18.89 -10.66
C TYR A 371 10.05 19.01 -9.47
N ARG A 372 9.48 19.38 -8.32
CA ARG A 372 10.19 19.37 -7.02
C ARG A 372 9.30 18.60 -6.08
N PHE A 373 9.45 17.26 -6.09
CA PHE A 373 8.57 16.35 -5.39
C PHE A 373 9.02 16.22 -3.96
N PRO A 374 8.10 16.47 -3.01
CA PRO A 374 8.42 16.11 -1.64
C PRO A 374 8.25 14.57 -1.49
N GLY A 375 8.88 14.03 -0.47
CA GLY A 375 8.72 12.62 -0.18
C GLY A 375 10.07 12.03 0.13
N ASP A 376 10.06 10.78 0.59
CA ASP A 376 11.31 9.98 0.71
C ASP A 376 11.76 9.42 -0.67
N ARG A 377 12.85 8.63 -0.65
CA ARG A 377 13.47 8.15 -1.86
C ARG A 377 12.44 7.33 -2.68
N GLU A 378 11.73 6.41 -2.02
CA GLU A 378 10.80 5.54 -2.74
C GLU A 378 9.62 6.34 -3.30
N THR A 379 9.20 7.35 -2.56
CA THR A 379 8.14 8.23 -3.06
C THR A 379 8.57 9.04 -4.31
N VAL A 380 9.72 9.69 -4.25
CA VAL A 380 10.18 10.50 -5.37
C VAL A 380 10.31 9.62 -6.63
N ARG A 381 10.82 8.42 -6.46
CA ARG A 381 10.92 7.44 -7.57
C ARG A 381 9.56 7.16 -8.19
N LEU A 382 8.57 6.90 -7.36
CA LEU A 382 7.21 6.61 -7.82
C LEU A 382 6.52 7.79 -8.54
N ARG A 383 6.70 8.97 -7.99
CA ARG A 383 6.11 10.20 -8.54
C ARG A 383 6.69 10.47 -9.88
N SER A 384 7.98 10.15 -10.02
CA SER A 384 8.67 10.37 -11.29
C SER A 384 8.10 9.44 -12.39
N VAL A 385 7.81 8.20 -12.00
CA VAL A 385 7.23 7.23 -12.93
C VAL A 385 5.90 7.75 -13.48
N TYR A 386 5.01 8.15 -12.58
CA TYR A 386 3.70 8.65 -13.00
C TYR A 386 3.79 9.96 -13.73
N ALA A 387 4.73 10.82 -13.32
CA ALA A 387 4.98 12.08 -14.03
C ALA A 387 5.38 11.82 -15.48
N ALA A 388 6.23 10.83 -15.69
CA ALA A 388 6.66 10.50 -17.05
C ALA A 388 5.45 9.99 -17.85
N LEU A 389 4.64 9.11 -17.24
CA LEU A 389 3.47 8.53 -17.90
C LEU A 389 2.40 9.61 -18.26
N ALA A 390 2.20 10.55 -17.34
CA ALA A 390 1.29 11.70 -17.58
C ALA A 390 1.64 12.55 -18.81
N LEU A 391 2.90 12.60 -19.21
CA LEU A 391 3.30 13.30 -20.44
C LEU A 391 2.59 12.80 -21.69
N LEU A 392 2.20 11.52 -21.70
CA LEU A 392 1.56 10.93 -22.85
C LEU A 392 0.03 11.00 -22.79
N VAL A 393 -0.52 11.36 -21.63
CA VAL A 393 -1.98 11.47 -21.45
C VAL A 393 -2.43 12.77 -20.82
N THR A 394 -1.49 13.69 -20.59
CA THR A 394 -1.64 15.01 -19.85
C THR A 394 -2.57 15.04 -18.66
N MET B 1 -3.28 -2.09 33.11
CA MET B 1 -2.56 -1.47 31.98
C MET B 1 -3.43 -0.42 31.30
N GLU B 2 -2.91 0.78 31.17
CA GLU B 2 -3.67 1.86 30.47
C GLU B 2 -3.85 1.63 28.96
N ARG B 3 -4.86 2.26 28.37
CA ARG B 3 -5.19 2.10 26.93
C ARG B 3 -4.43 3.08 25.98
N ALA B 4 -4.11 2.58 24.79
CA ALA B 4 -3.76 3.46 23.65
C ALA B 4 -4.88 3.35 22.65
N GLU B 5 -5.36 4.50 22.14
CA GLU B 5 -6.44 4.55 21.10
C GLU B 5 -5.86 5.06 19.81
N ILE B 6 -6.20 4.43 18.70
CA ILE B 6 -5.60 4.73 17.40
C ILE B 6 -6.70 4.90 16.36
N LEU B 7 -6.73 6.08 15.76
CA LEU B 7 -7.78 6.44 14.81
C LEU B 7 -7.17 6.86 13.47
N GLY B 8 -7.57 6.21 12.40
CA GLY B 8 -7.21 6.65 11.07
C GLY B 8 -8.38 7.47 10.58
N VAL B 9 -8.08 8.61 9.96
CA VAL B 9 -9.13 9.53 9.51
C VAL B 9 -9.15 9.56 7.98
N GLY B 10 -10.31 9.30 7.43
CA GLY B 10 -10.49 9.33 5.98
C GLY B 10 -11.62 8.42 5.58
N THR B 11 -12.62 8.99 4.91
CA THR B 11 -13.74 8.21 4.40
C THR B 11 -13.30 7.11 3.44
N GLU B 12 -12.17 7.33 2.75
CA GLU B 12 -11.71 6.35 1.77
C GLU B 12 -11.13 5.14 2.50
N LEU B 13 -10.71 5.35 3.73
CA LEU B 13 -10.29 4.21 4.59
C LEU B 13 -11.43 3.28 4.99
N LEU B 14 -12.63 3.82 5.21
CA LEU B 14 -13.78 3.03 5.59
C LEU B 14 -14.07 1.97 4.52
N TYR B 15 -13.98 2.40 3.27
CA TYR B 15 -14.38 1.62 2.15
C TYR B 15 -13.22 0.86 1.53
N GLY B 16 -12.02 1.05 2.07
CA GLY B 16 -10.84 0.34 1.58
C GLY B 16 -10.40 0.81 0.21
N GLU B 17 -10.90 1.98 -0.24
CA GLU B 17 -10.36 2.63 -1.45
C GLU B 17 -8.88 2.86 -1.25
N THR B 18 -8.49 3.27 -0.04
CA THR B 18 -7.09 3.19 0.37
C THR B 18 -7.12 2.31 1.59
N LEU B 19 -6.19 1.38 1.64
CA LEU B 19 -6.21 0.38 2.67
C LEU B 19 -5.53 0.96 3.89
N ASP B 20 -6.20 0.89 5.04
CA ASP B 20 -5.64 1.43 6.29
C ASP B 20 -4.49 0.55 6.85
N THR B 21 -3.25 0.93 6.56
CA THR B 21 -2.14 0.22 7.19
C THR B 21 -1.56 1.06 8.31
N ASN B 22 -1.76 2.38 8.25
CA ASN B 22 -1.29 3.30 9.29
C ASN B 22 -1.63 2.87 10.73
N THR B 23 -2.91 2.50 10.98
CA THR B 23 -3.32 2.22 12.36
C THR B 23 -2.61 0.98 12.85
N ALA B 24 -2.55 -0.03 11.97
CA ALA B 24 -1.83 -1.27 12.22
C ALA B 24 -0.37 -1.00 12.53
N GLU B 25 0.27 -0.16 11.70
CA GLU B 25 1.68 0.14 11.86
C GLU B 25 2.00 0.89 13.19
N ILE B 26 1.13 1.82 13.57
CA ILE B 26 1.28 2.53 14.84
C ILE B 26 1.10 1.59 16.02
N ALA B 27 0.09 0.71 15.96
CA ALA B 27 -0.16 -0.27 16.98
C ALA B 27 1.05 -1.19 17.17
N ARG B 28 1.68 -1.57 16.06
CA ARG B 28 2.85 -2.40 16.14
C ARG B 28 3.99 -1.64 16.86
N SER B 29 4.08 -0.31 16.65
CA SER B 29 5.18 0.47 17.23
C SER B 29 4.97 0.55 18.72
N LEU B 30 3.77 0.19 19.19
CA LEU B 30 3.45 0.39 20.60
C LEU B 30 3.70 -0.87 21.48
N LYS B 31 3.92 -2.03 20.84
CA LYS B 31 4.22 -3.27 21.56
C LYS B 31 5.34 -3.21 22.63
N PRO B 32 6.42 -2.40 22.42
CA PRO B 32 7.43 -2.28 23.48
C PRO B 32 6.98 -1.43 24.65
N TYR B 33 5.69 -1.07 24.67
CA TYR B 33 5.20 -0.17 25.69
C TYR B 33 4.03 -0.81 26.43
N ALA B 34 3.90 -0.53 27.72
CA ALA B 34 2.90 -1.18 28.51
C ALA B 34 1.56 -0.49 28.39
N LEU B 35 0.99 -0.55 27.21
CA LEU B 35 -0.34 0.00 27.02
C LEU B 35 -1.12 -1.06 26.30
N LYS B 36 -2.42 -1.03 26.49
CA LYS B 36 -3.29 -1.98 25.88
C LYS B 36 -3.96 -1.32 24.68
N VAL B 37 -3.94 -1.99 23.55
CA VAL B 37 -4.76 -1.64 22.42
C VAL B 37 -5.96 -2.60 22.36
N GLU B 38 -7.15 -2.10 22.72
CA GLU B 38 -8.36 -2.92 22.66
C GLU B 38 -9.06 -2.85 21.30
N ARG B 39 -8.80 -1.79 20.56
CA ARG B 39 -9.54 -1.51 19.36
C ARG B 39 -8.77 -0.44 18.56
N THR B 40 -9.04 -0.38 17.25
CA THR B 40 -8.61 0.71 16.40
C THR B 40 -9.77 1.11 15.58
N LEU B 41 -9.79 2.39 15.19
CA LEU B 41 -10.87 3.01 14.42
C LEU B 41 -10.44 3.59 13.10
N ARG B 42 -11.36 3.60 12.12
CA ARG B 42 -11.21 4.38 10.93
C ARG B 42 -12.46 5.25 10.95
N VAL B 43 -12.27 6.56 10.79
CA VAL B 43 -13.38 7.48 10.89
C VAL B 43 -13.53 8.30 9.63
N ALA B 44 -14.78 8.51 9.21
CA ALA B 44 -15.10 9.36 8.05
C ALA B 44 -14.76 10.81 8.28
N ASP B 45 -14.61 11.56 7.17
CA ASP B 45 -14.23 12.97 7.26
C ASP B 45 -15.41 13.90 7.59
N GLU B 46 -15.89 13.87 8.84
CA GLU B 46 -16.99 14.72 9.24
C GLU B 46 -16.70 15.21 10.64
N VAL B 47 -16.78 16.52 10.85
CA VAL B 47 -16.39 17.11 12.12
C VAL B 47 -17.07 16.55 13.38
N ALA B 48 -18.41 16.51 13.39
CA ALA B 48 -19.17 16.09 14.55
C ALA B 48 -18.91 14.65 14.96
N PRO B 49 -19.05 13.68 14.03
CA PRO B 49 -18.71 12.32 14.45
C PRO B 49 -17.22 12.17 14.89
N LEU B 50 -16.33 12.83 14.18
CA LEU B 50 -14.91 12.69 14.56
C LEU B 50 -14.66 13.27 15.95
N ALA B 51 -15.21 14.45 16.23
CA ALA B 51 -15.01 15.07 17.56
C ALA B 51 -15.52 14.16 18.67
N ARG B 52 -16.71 13.61 18.49
CA ARG B 52 -17.25 12.59 19.44
C ARG B 52 -16.24 11.44 19.64
N GLU B 53 -15.71 10.86 18.55
CA GLU B 53 -14.77 9.71 18.72
C GLU B 53 -13.47 10.11 19.40
N VAL B 54 -12.95 11.26 19.02
CA VAL B 54 -11.74 11.75 19.67
C VAL B 54 -12.00 12.04 21.17
N GLU B 55 -13.11 12.71 21.46
CA GLU B 55 -13.49 12.98 22.87
C GLU B 55 -13.60 11.73 23.70
N GLU B 56 -14.27 10.72 23.16
CA GLU B 56 -14.37 9.42 23.87
C GLU B 56 -13.04 8.68 24.03
N ALA B 57 -12.26 8.63 22.94
CA ALA B 57 -10.94 7.97 22.96
C ALA B 57 -10.00 8.63 24.00
N PHE B 58 -10.05 9.95 24.08
CA PHE B 58 -9.16 10.68 24.98
C PHE B 58 -9.59 10.45 26.43
N ALA B 59 -10.91 10.46 26.66
CA ALA B 59 -11.49 10.13 27.98
C ALA B 59 -11.03 8.80 28.56
N ARG B 60 -10.88 7.76 27.75
CA ARG B 60 -10.53 6.43 28.30
C ARG B 60 -9.08 6.01 28.14
N ALA B 61 -8.22 6.92 27.65
CA ALA B 61 -6.88 6.47 27.24
C ALA B 61 -5.74 7.26 27.84
N ARG B 62 -4.60 6.58 28.00
CA ARG B 62 -3.36 7.29 28.36
C ARG B 62 -2.79 8.00 27.09
N LEU B 63 -3.00 7.38 25.93
CA LEU B 63 -2.45 7.84 24.66
C LEU B 63 -3.49 7.74 23.58
N VAL B 64 -3.71 8.83 22.85
CA VAL B 64 -4.48 8.80 21.62
C VAL B 64 -3.62 9.24 20.42
N VAL B 65 -3.62 8.44 19.37
CA VAL B 65 -2.92 8.76 18.13
C VAL B 65 -3.91 8.88 16.94
N LEU B 66 -3.87 10.03 16.28
CA LEU B 66 -4.71 10.30 15.11
C LEU B 66 -3.82 10.43 13.89
N SER B 67 -4.31 9.90 12.79
CA SER B 67 -3.54 9.89 11.57
C SER B 67 -4.45 10.28 10.38
N GLY B 68 -4.10 11.37 9.69
CA GLY B 68 -4.84 11.80 8.47
C GLY B 68 -5.78 12.98 8.67
N GLY B 69 -6.22 13.56 7.58
CA GLY B 69 -7.15 14.71 7.56
C GLY B 69 -6.47 16.03 7.91
N LEU B 70 -5.15 16.17 7.64
CA LEU B 70 -4.42 17.44 7.92
C LEU B 70 -4.16 18.25 6.68
N GLY B 71 -4.73 17.85 5.54
CA GLY B 71 -4.53 18.60 4.32
C GLY B 71 -5.26 19.92 4.32
N PRO B 72 -5.31 20.56 3.14
CA PRO B 72 -5.87 21.91 3.06
C PRO B 72 -7.33 21.99 2.51
N THR B 73 -8.03 20.87 2.33
CA THR B 73 -9.32 20.89 1.61
C THR B 73 -10.50 20.90 2.58
N PRO B 74 -11.70 21.16 2.09
CA PRO B 74 -12.86 21.03 2.99
C PRO B 74 -13.09 19.61 3.62
N ASP B 75 -12.50 18.55 3.06
CA ASP B 75 -12.66 17.22 3.67
C ASP B 75 -11.62 16.90 4.74
N ASP B 76 -10.62 17.76 4.89
CA ASP B 76 -9.66 17.62 5.97
C ASP B 76 -10.18 18.39 7.15
N VAL B 77 -10.67 17.69 8.15
CA VAL B 77 -11.36 18.39 9.26
C VAL B 77 -10.87 17.91 10.66
N THR B 78 -9.77 17.13 10.68
CA THR B 78 -9.19 16.62 11.93
C THR B 78 -8.84 17.72 12.96
N ARG B 79 -8.18 18.78 12.53
CA ARG B 79 -7.81 19.88 13.46
C ARG B 79 -9.07 20.48 14.08
N GLU B 80 -10.06 20.78 13.23
CA GLU B 80 -11.34 21.29 13.73
C GLU B 80 -12.03 20.28 14.68
N ALA B 81 -12.06 18.99 14.29
CA ALA B 81 -12.67 17.96 15.16
C ALA B 81 -11.95 17.85 16.52
N VAL B 82 -10.62 17.96 16.55
CA VAL B 82 -9.89 17.80 17.84
C VAL B 82 -10.12 19.02 18.75
N ALA B 83 -10.10 20.20 18.14
CA ALA B 83 -10.27 21.44 18.89
C ALA B 83 -11.66 21.39 19.55
N LEU B 84 -12.65 20.94 18.80
CA LEU B 84 -14.01 20.78 19.31
C LEU B 84 -14.05 19.73 20.44
N ALA B 85 -13.39 18.58 20.26
CA ALA B 85 -13.34 17.56 21.30
C ALA B 85 -12.69 18.06 22.57
N LEU B 86 -11.69 18.92 22.45
CA LEU B 86 -10.96 19.40 23.66
C LEU B 86 -11.44 20.77 24.14
N GLY B 87 -12.50 21.32 23.55
CA GLY B 87 -12.99 22.64 23.97
C GLY B 87 -11.95 23.78 23.91
N GLU B 88 -11.10 23.79 22.88
CA GLU B 88 -10.13 24.87 22.69
C GLU B 88 -10.30 25.49 21.31
N PRO B 89 -10.04 26.79 21.21
CA PRO B 89 -10.12 27.52 19.94
C PRO B 89 -8.89 27.26 19.08
N LEU B 90 -9.07 27.24 17.77
CA LEU B 90 -7.97 27.18 16.81
C LEU B 90 -7.33 28.55 16.60
N GLU B 91 -6.01 28.62 16.60
CA GLU B 91 -5.35 29.89 16.42
C GLU B 91 -4.19 29.77 15.45
N LEU B 92 -4.10 30.73 14.55
CA LEU B 92 -3.06 30.77 13.53
C LEU B 92 -1.67 31.15 14.03
N ASP B 93 -0.67 30.32 13.77
CA ASP B 93 0.70 30.57 14.17
C ASP B 93 1.49 31.17 12.97
N GLU B 94 1.86 32.46 13.05
CA GLU B 94 2.51 33.21 11.96
C GLU B 94 3.88 32.68 11.60
N ALA B 95 4.60 32.16 12.58
CA ALA B 95 5.86 31.51 12.27
C ALA B 95 5.72 30.22 11.39
N VAL B 96 4.70 29.41 11.67
CA VAL B 96 4.45 28.22 10.84
C VAL B 96 4.04 28.63 9.42
N LEU B 97 3.24 29.68 9.31
CA LEU B 97 2.88 30.23 8.01
C LEU B 97 4.09 30.57 7.14
N GLY B 98 5.09 31.24 7.72
CA GLY B 98 6.33 31.58 7.02
C GLY B 98 7.02 30.33 6.48
N GLU B 99 6.95 29.25 7.27
CA GLU B 99 7.59 28.01 6.90
C GLU B 99 6.89 27.28 5.75
N ILE B 100 5.56 27.33 5.74
CA ILE B 100 4.79 26.75 4.61
C ILE B 100 5.09 27.58 3.40
N GLU B 101 5.15 28.88 3.61
CA GLU B 101 5.46 29.81 2.54
C GLU B 101 6.82 29.53 1.94
N ALA B 102 7.79 29.25 2.79
CA ALA B 102 9.15 28.92 2.33
C ALA B 102 9.16 27.56 1.61
N PHE B 103 8.36 26.63 2.11
CA PHE B 103 8.25 25.31 1.48
C PHE B 103 7.80 25.45 -0.01
N PHE B 104 6.82 26.31 -0.23
CA PHE B 104 6.27 26.54 -1.56
C PHE B 104 7.24 27.31 -2.44
N ARG B 105 7.84 28.36 -1.90
CA ARG B 105 8.85 29.15 -2.62
C ARG B 105 9.99 28.25 -3.16
N ALA B 106 10.51 27.33 -2.35
CA ALA B 106 11.62 26.48 -2.83
C ALA B 106 11.18 25.75 -4.09
N ARG B 107 9.88 25.40 -4.15
CA ARG B 107 9.31 24.64 -5.29
C ARG B 107 8.92 25.54 -6.44
N GLY B 108 9.24 26.84 -6.34
CA GLY B 108 8.91 27.85 -7.33
C GLY B 108 7.44 28.22 -7.34
N ARG B 109 6.77 28.14 -6.19
CA ARG B 109 5.33 28.47 -6.10
C ARG B 109 5.07 29.51 -5.03
N ALA B 110 3.98 30.23 -5.20
CA ALA B 110 3.45 31.07 -4.13
C ALA B 110 2.60 30.16 -3.23
N MET B 111 2.30 30.59 -2.02
CA MET B 111 1.53 29.76 -1.09
C MET B 111 0.06 30.00 -1.33
N PRO B 112 -0.69 28.92 -1.61
CA PRO B 112 -2.15 29.03 -1.81
C PRO B 112 -2.91 29.37 -0.50
N GLU B 113 -4.00 30.12 -0.65
CA GLU B 113 -4.83 30.49 0.50
C GLU B 113 -5.23 29.27 1.37
N ALA B 114 -5.60 28.14 0.73
CA ALA B 114 -6.15 26.99 1.44
C ALA B 114 -5.13 26.34 2.39
N ASN B 115 -3.84 26.52 2.13
CA ASN B 115 -2.85 25.96 3.05
C ASN B 115 -2.71 26.71 4.35
N ARG B 116 -3.26 27.94 4.42
CA ARG B 116 -3.14 28.72 5.63
C ARG B 116 -3.65 27.97 6.86
N LYS B 117 -4.64 27.12 6.68
CA LYS B 117 -5.27 26.55 7.85
C LYS B 117 -4.39 25.46 8.51
N GLN B 118 -3.33 25.06 7.80
CA GLN B 118 -2.40 24.05 8.32
C GLN B 118 -1.46 24.66 9.35
N ALA B 119 -1.46 25.98 9.48
CA ALA B 119 -0.66 26.68 10.50
C ALA B 119 -1.53 26.98 11.74
N MET B 120 -2.68 26.35 11.82
CA MET B 120 -3.56 26.51 12.99
C MET B 120 -3.36 25.43 14.01
N ARG B 121 -3.47 25.81 15.28
CA ARG B 121 -3.32 24.89 16.39
C ARG B 121 -4.09 25.39 17.62
N ILE B 122 -4.43 24.47 18.52
CA ILE B 122 -4.99 24.84 19.83
C ILE B 122 -3.87 25.23 20.79
N PRO B 123 -4.20 26.05 21.83
CA PRO B 123 -3.16 26.50 22.78
C PRO B 123 -2.42 25.36 23.49
N SER B 124 -3.05 24.19 23.65
CA SER B 124 -2.42 23.06 24.36
C SER B 124 -1.48 22.29 23.47
N ALA B 125 -1.53 22.56 22.17
CA ALA B 125 -0.71 21.79 21.23
C ALA B 125 0.69 22.36 21.10
N THR B 126 1.69 21.49 21.18
CA THR B 126 3.03 21.75 20.71
C THR B 126 3.10 21.26 19.26
N TRP B 127 3.81 22.00 18.38
CA TRP B 127 4.00 21.59 16.99
C TRP B 127 4.95 20.43 16.83
N LEU B 128 4.63 19.51 15.91
CA LEU B 128 5.63 18.52 15.49
C LEU B 128 6.07 18.91 14.07
N LYS B 129 7.35 19.15 13.86
CA LYS B 129 7.86 19.55 12.57
C LYS B 129 7.67 18.42 11.56
N ASN B 130 7.07 18.74 10.44
CA ASN B 130 6.93 17.83 9.32
C ASN B 130 8.09 18.05 8.33
N PRO B 131 9.05 17.10 8.27
CA PRO B 131 10.19 17.30 7.37
C PRO B 131 9.84 17.14 5.88
N ARG B 132 8.62 16.74 5.53
CA ARG B 132 8.32 16.41 4.12
C ARG B 132 7.00 16.94 3.56
N GLY B 133 6.28 17.78 4.31
CA GLY B 133 4.95 18.21 3.90
C GLY B 133 4.71 19.53 4.54
N THR B 134 3.56 20.10 4.25
CA THR B 134 3.29 21.45 4.77
C THR B 134 2.59 21.43 6.11
N ALA B 135 2.03 20.29 6.50
CA ALA B 135 1.24 20.26 7.76
C ALA B 135 2.15 19.71 8.86
N PRO B 136 2.52 20.54 9.82
CA PRO B 136 3.10 20.03 11.05
C PRO B 136 2.05 19.27 11.86
N GLY B 137 2.48 18.33 12.70
CA GLY B 137 1.59 17.61 13.59
C GLY B 137 1.39 18.35 14.90
N TRP B 138 0.58 17.75 15.79
CA TRP B 138 0.35 18.27 17.13
C TRP B 138 0.71 17.28 18.17
N TRP B 139 1.17 17.80 19.30
CA TRP B 139 1.33 17.00 20.50
C TRP B 139 0.67 17.76 21.62
N VAL B 140 -0.43 17.20 22.13
CA VAL B 140 -1.15 17.77 23.26
C VAL B 140 -0.89 16.91 24.48
N ARG B 141 -0.20 17.51 25.47
CA ARG B 141 -0.03 16.92 26.82
C ARG B 141 -1.05 17.58 27.73
N LYS B 142 -1.95 16.80 28.32
CA LYS B 142 -3.06 17.40 29.05
C LYS B 142 -3.66 16.43 30.07
N GLY B 143 -3.57 16.79 31.35
CA GLY B 143 -4.04 15.92 32.40
C GLY B 143 -3.31 14.59 32.44
N GLY B 144 -2.00 14.59 32.16
CA GLY B 144 -1.22 13.32 32.17
C GLY B 144 -1.42 12.43 30.93
N LYS B 145 -2.34 12.79 30.03
CA LYS B 145 -2.57 12.04 28.83
C LYS B 145 -1.88 12.72 27.62
N ASP B 146 -1.56 11.91 26.59
CA ASP B 146 -1.00 12.40 25.34
C ASP B 146 -1.95 12.19 24.17
N LEU B 147 -2.15 13.25 23.40
CA LEU B 147 -2.86 13.17 22.10
C LEU B 147 -1.88 13.63 21.02
N VAL B 148 -1.70 12.80 20.00
CA VAL B 148 -0.78 13.13 18.90
C VAL B 148 -1.50 13.12 17.60
N LEU B 149 -1.41 14.24 16.85
CA LEU B 149 -1.98 14.29 15.51
C LEU B 149 -0.85 14.13 14.50
N LEU B 150 -1.01 13.19 13.57
CA LEU B 150 -0.05 12.93 12.53
C LEU B 150 -0.64 13.04 11.09
N PRO B 151 0.17 13.48 10.13
CA PRO B 151 -0.23 13.44 8.71
C PRO B 151 -0.54 12.01 8.28
N GLY B 152 -1.41 11.88 7.28
CA GLY B 152 -1.73 10.60 6.63
C GLY B 152 -0.59 9.92 5.83
N PRO B 153 0.15 10.67 5.01
CA PRO B 153 1.20 9.92 4.22
C PRO B 153 2.42 9.46 5.08
N PRO B 154 2.74 8.16 5.04
CA PRO B 154 3.88 7.59 5.77
C PRO B 154 5.26 8.31 5.66
N PRO B 155 5.64 8.85 4.48
CA PRO B 155 6.93 9.56 4.47
C PRO B 155 6.93 10.78 5.37
N GLU B 156 5.75 11.33 5.63
CA GLU B 156 5.67 12.44 6.61
C GLU B 156 5.64 11.96 8.04
N TRP B 157 4.81 10.95 8.33
CA TRP B 157 4.52 10.65 9.74
C TRP B 157 5.52 9.74 10.40
N ARG B 158 6.06 8.79 9.64
CA ARG B 158 7.08 7.91 10.17
C ARG B 158 8.22 8.64 10.93
N PRO B 159 8.90 9.60 10.31
CA PRO B 159 9.99 10.26 11.01
C PRO B 159 9.47 11.06 12.22
N MET B 160 8.25 11.59 12.09
CA MET B 160 7.66 12.41 13.12
C MET B 160 7.38 11.57 14.34
N TRP B 161 6.81 10.41 14.10
CA TRP B 161 6.40 9.50 15.15
C TRP B 161 7.59 8.86 15.83
N GLN B 162 8.65 8.56 15.05
CA GLN B 162 9.87 8.01 15.66
C GLN B 162 10.47 9.03 16.62
N GLU B 163 10.34 10.31 16.28
CA GLU B 163 10.96 11.37 17.07
C GLU B 163 10.17 11.62 18.38
N VAL B 164 8.84 11.52 18.32
CA VAL B 164 8.06 11.96 19.43
C VAL B 164 7.82 10.82 20.40
N LEU B 165 7.70 9.60 19.87
CA LEU B 165 7.31 8.41 20.67
C LEU B 165 8.09 8.22 21.99
N PRO B 166 9.46 8.26 21.94
CA PRO B 166 10.28 8.18 23.17
C PRO B 166 9.95 9.34 24.13
N ARG B 167 9.70 10.52 23.58
CA ARG B 167 9.43 11.69 24.40
C ARG B 167 8.08 11.67 25.17
N LEU B 168 7.24 10.67 24.91
CA LEU B 168 5.91 10.61 25.50
C LEU B 168 5.94 10.08 26.94
N GLY B 169 7.05 9.45 27.29
CA GLY B 169 7.24 8.93 28.63
C GLY B 169 6.35 7.75 28.95
N LEU B 170 6.12 6.89 27.97
CA LEU B 170 5.28 5.71 28.21
C LEU B 170 6.05 4.65 29.01
N PRO B 171 5.34 3.89 29.86
CA PRO B 171 5.94 2.73 30.56
C PRO B 171 6.34 1.63 29.59
N ARG B 172 7.54 1.06 29.79
CA ARG B 172 8.07 0.10 28.84
C ARG B 172 7.81 -1.33 29.31
N ARG B 173 7.76 -2.26 28.37
CA ARG B 173 7.72 -3.69 28.70
C ARG B 173 8.75 -4.41 27.82
N PRO B 174 9.44 -5.41 28.38
CA PRO B 174 10.51 -6.10 27.66
C PRO B 174 9.98 -7.05 26.53
N TYR B 175 9.31 -6.48 25.54
CA TYR B 175 8.92 -7.19 24.33
C TYR B 175 9.95 -7.04 23.21
N ALA B 176 10.11 -8.06 22.39
CA ALA B 176 10.96 -8.02 21.19
C ALA B 176 10.42 -8.93 20.05
N GLU B 177 10.85 -8.65 18.82
CA GLU B 177 10.65 -9.53 17.64
C GLU B 177 11.92 -9.74 16.87
N ARG B 178 12.15 -10.99 16.46
CA ARG B 178 13.26 -11.31 15.61
C ARG B 178 12.71 -11.93 14.36
N VAL B 179 13.12 -11.41 13.21
CA VAL B 179 12.67 -11.93 11.89
C VAL B 179 13.82 -12.59 11.12
N LEU B 180 13.73 -13.90 10.91
CA LEU B 180 14.74 -14.59 10.12
C LEU B 180 14.19 -14.78 8.71
N LYS B 181 14.93 -14.30 7.74
CA LYS B 181 14.44 -14.34 6.35
C LYS B 181 15.18 -15.46 5.58
N THR B 182 14.41 -16.39 5.05
CA THR B 182 15.00 -17.52 4.38
C THR B 182 14.66 -17.52 2.88
N TRP B 183 15.35 -18.40 2.13
CA TRP B 183 15.03 -18.66 0.72
C TRP B 183 15.15 -20.12 0.39
N GLY B 184 14.32 -20.63 -0.52
CA GLY B 184 14.51 -21.97 -1.04
C GLY B 184 14.15 -23.10 -0.08
N ILE B 185 13.22 -22.84 0.84
CA ILE B 185 12.75 -23.88 1.80
C ILE B 185 11.31 -23.57 2.17
N GLY B 186 10.42 -24.55 1.95
CA GLY B 186 8.99 -24.39 2.18
C GLY B 186 8.68 -24.31 3.68
N GLU B 187 7.48 -23.85 4.00
CA GLU B 187 7.03 -23.78 5.40
C GLU B 187 7.17 -25.14 6.13
N SER B 188 6.57 -26.17 5.51
CA SER B 188 6.52 -27.52 6.04
C SER B 188 7.87 -28.04 6.43
N GLU B 189 8.86 -27.93 5.55
CA GLU B 189 10.19 -28.37 5.94
C GLU B 189 10.72 -27.60 7.14
N ILE B 190 10.42 -26.29 7.21
CA ILE B 190 10.97 -25.46 8.30
C ILE B 190 10.53 -26.01 9.68
N VAL B 191 9.22 -26.19 9.86
CA VAL B 191 8.67 -26.84 11.07
C VAL B 191 9.52 -28.02 11.60
N GLU B 192 10.09 -28.83 10.71
CA GLU B 192 10.87 -30.01 11.10
C GLU B 192 12.30 -29.66 11.49
N VAL B 204 6.53 -16.43 24.68
CA VAL B 204 7.17 -16.48 23.38
C VAL B 204 6.42 -17.38 22.37
N GLU B 205 6.55 -17.07 21.07
CA GLU B 205 5.91 -17.84 19.99
C GLU B 205 6.65 -17.70 18.65
N VAL B 206 6.76 -18.81 17.93
CA VAL B 206 7.44 -18.89 16.66
C VAL B 206 6.44 -19.12 15.55
N GLY B 207 6.53 -18.30 14.50
CA GLY B 207 5.59 -18.33 13.35
C GLY B 207 6.37 -18.39 12.03
N THR B 208 5.70 -18.82 10.96
CA THR B 208 6.32 -18.86 9.63
C THR B 208 5.42 -18.13 8.67
N TYR B 209 6.02 -17.36 7.78
CA TYR B 209 5.25 -16.42 6.97
C TYR B 209 5.78 -16.43 5.55
N PRO B 210 5.06 -17.08 4.62
CA PRO B 210 5.48 -17.19 3.22
C PRO B 210 5.39 -15.87 2.50
N LYS B 211 6.49 -15.39 1.95
CA LYS B 211 6.45 -14.12 1.21
C LYS B 211 7.15 -14.30 -0.13
N VAL B 212 7.02 -13.30 -1.01
CA VAL B 212 7.68 -13.40 -2.33
C VAL B 212 9.19 -13.46 -2.22
N HIS B 213 9.76 -12.85 -1.18
CA HIS B 213 11.23 -12.92 -0.95
C HIS B 213 11.66 -14.10 -0.11
N GLY B 214 10.79 -15.11 -0.01
CA GLY B 214 11.08 -16.29 0.81
C GLY B 214 10.27 -16.38 2.13
N VAL B 215 10.39 -17.49 2.84
CA VAL B 215 9.62 -17.71 4.07
C VAL B 215 10.33 -17.04 5.25
N GLU B 216 9.64 -16.12 5.90
CA GLU B 216 10.16 -15.47 7.09
C GLU B 216 9.89 -16.33 8.33
N VAL B 217 10.91 -16.50 9.16
CA VAL B 217 10.66 -17.08 10.52
C VAL B 217 10.62 -15.96 11.60
N VAL B 218 9.46 -15.80 12.21
CA VAL B 218 9.31 -14.72 13.19
C VAL B 218 9.23 -15.24 14.62
N VAL B 219 10.10 -14.70 15.47
CA VAL B 219 10.11 -15.01 16.90
C VAL B 219 9.73 -13.73 17.69
N ARG B 220 8.67 -13.80 18.49
CA ARG B 220 8.19 -12.62 19.22
C ARG B 220 7.63 -12.91 20.63
N GLY B 221 7.72 -11.88 21.50
CA GLY B 221 7.35 -12.01 22.90
C GLY B 221 8.41 -11.47 23.86
N ARG B 222 8.59 -12.16 24.98
CA ARG B 222 9.47 -11.66 26.01
C ARG B 222 10.90 -11.67 25.51
N GLU B 223 11.49 -10.48 25.52
CA GLU B 223 12.78 -10.19 24.91
C GLU B 223 13.86 -11.21 25.25
N ASP B 224 13.96 -11.62 26.51
CA ASP B 224 14.89 -12.67 26.91
C ASP B 224 14.64 -14.00 26.15
N ARG B 225 13.39 -14.46 26.16
CA ARG B 225 13.02 -15.71 25.49
C ARG B 225 13.12 -15.60 23.96
N VAL B 226 12.72 -14.45 23.41
CA VAL B 226 12.94 -14.17 21.99
C VAL B 226 14.44 -14.26 21.63
N ALA B 227 15.28 -13.66 22.43
CA ALA B 227 16.71 -13.68 22.17
C ALA B 227 17.28 -15.12 22.16
N GLU B 228 17.00 -15.87 23.22
CA GLU B 228 17.54 -17.22 23.31
C GLU B 228 17.01 -18.12 22.18
N LEU B 229 15.69 -18.19 22.07
CA LEU B 229 15.03 -19.03 21.10
C LEU B 229 15.46 -18.72 19.66
N ALA B 230 15.53 -17.42 19.30
CA ALA B 230 15.86 -17.02 17.95
C ALA B 230 17.22 -17.50 17.51
N GLU B 231 18.16 -17.55 18.45
CA GLU B 231 19.54 -18.02 18.17
C GLU B 231 19.59 -19.51 17.87
N ARG B 232 18.77 -20.27 18.58
CA ARG B 232 18.68 -21.70 18.43
C ARG B 232 18.10 -22.05 17.05
N ILE B 233 17.04 -21.32 16.65
CA ILE B 233 16.40 -21.48 15.32
C ILE B 233 17.33 -21.10 14.15
N LYS B 234 18.03 -19.98 14.28
CA LYS B 234 18.90 -19.51 13.22
C LYS B 234 20.00 -20.54 12.99
N LYS B 235 20.41 -21.19 14.08
CA LYS B 235 21.38 -22.27 14.02
C LYS B 235 20.81 -23.46 13.23
N LYS B 236 19.59 -23.87 13.57
CA LYS B 236 18.91 -24.95 12.86
C LYS B 236 18.67 -24.62 11.38
N LEU B 237 18.68 -23.33 11.01
CA LEU B 237 18.39 -22.93 9.62
C LEU B 237 19.55 -22.14 9.05
N LEU B 238 20.75 -22.47 9.52
CA LEU B 238 21.95 -21.69 9.22
C LEU B 238 22.20 -21.44 7.74
N LYS B 239 22.15 -22.47 6.89
CA LYS B 239 22.34 -22.25 5.43
C LYS B 239 21.14 -21.59 4.68
N GLU B 240 19.93 -21.68 5.22
CA GLU B 240 18.78 -21.10 4.53
C GLU B 240 18.55 -19.60 4.80
N VAL B 241 19.05 -19.14 5.94
CA VAL B 241 18.89 -17.77 6.37
C VAL B 241 19.79 -16.85 5.58
N TRP B 242 19.20 -15.90 4.84
CA TRP B 242 19.96 -14.88 4.12
C TRP B 242 20.03 -13.52 4.77
N GLY B 243 19.23 -13.30 5.82
CA GLY B 243 19.23 -11.99 6.51
C GLY B 243 18.22 -11.90 7.64
N GLU B 244 18.33 -10.85 8.47
CA GLU B 244 17.48 -10.62 9.65
C GLU B 244 16.88 -9.20 9.66
N GLY B 245 15.78 -9.03 10.38
CA GLY B 245 15.22 -7.72 10.61
C GLY B 245 14.97 -6.92 9.34
N GLU B 246 15.63 -5.78 9.26
CA GLU B 246 15.47 -4.86 8.14
C GLU B 246 16.26 -5.22 6.85
N MET B 247 17.11 -6.25 6.93
CA MET B 247 17.91 -6.73 5.79
C MET B 247 16.97 -7.18 4.67
N THR B 248 17.32 -6.77 3.44
CA THR B 248 16.60 -7.17 2.22
C THR B 248 17.59 -7.79 1.24
N LEU B 249 17.09 -8.50 0.21
CA LEU B 249 18.02 -9.15 -0.76
C LEU B 249 18.85 -8.12 -1.51
N ALA B 250 18.21 -7.03 -1.96
CA ALA B 250 18.93 -5.90 -2.57
C ALA B 250 20.05 -5.33 -1.68
N GLU B 251 19.77 -5.17 -0.38
CA GLU B 251 20.79 -4.68 0.50
C GLU B 251 21.90 -5.74 0.73
N ALA B 252 21.50 -7.01 0.76
CA ALA B 252 22.48 -8.10 0.88
C ALA B 252 23.45 -8.07 -0.33
N VAL B 253 22.88 -7.86 -1.53
CA VAL B 253 23.66 -7.74 -2.77
C VAL B 253 24.64 -6.57 -2.70
N LYS B 254 24.11 -5.43 -2.27
CA LYS B 254 24.95 -4.22 -2.11
C LYS B 254 26.14 -4.53 -1.20
N ARG B 255 25.91 -5.25 -0.10
CA ARG B 255 27.01 -5.54 0.85
C ARG B 255 28.03 -6.45 0.20
N ARG B 256 27.59 -7.47 -0.58
CA ARG B 256 28.56 -8.32 -1.29
C ARG B 256 29.38 -7.50 -2.31
N MET B 257 28.70 -6.65 -3.09
CA MET B 257 29.37 -5.84 -4.09
C MET B 257 30.47 -4.94 -3.50
N GLU B 258 30.16 -4.30 -2.37
CA GLU B 258 31.11 -3.36 -1.73
C GLU B 258 32.27 -4.08 -1.08
N ARG B 259 31.99 -5.24 -0.48
CA ARG B 259 33.02 -6.12 0.01
C ARG B 259 34.02 -6.51 -1.11
N GLU B 260 33.54 -6.78 -2.33
CA GLU B 260 34.45 -7.23 -3.40
C GLU B 260 35.01 -6.12 -4.24
N GLY B 261 34.51 -4.91 -4.06
CA GLY B 261 34.78 -3.82 -4.99
C GLY B 261 34.24 -4.18 -6.37
N ALA B 262 33.11 -4.89 -6.44
CA ALA B 262 32.59 -5.38 -7.71
C ALA B 262 31.45 -4.49 -8.26
N THR B 263 31.14 -4.66 -9.54
CA THR B 263 30.02 -3.98 -10.16
C THR B 263 28.95 -4.94 -10.67
N LEU B 264 27.76 -4.40 -10.93
CA LEU B 264 26.61 -5.17 -11.33
C LEU B 264 25.88 -4.48 -12.49
N SER B 265 25.33 -5.30 -13.39
CA SER B 265 24.38 -4.80 -14.43
C SER B 265 23.34 -5.88 -14.69
N THR B 266 22.28 -5.55 -15.46
CA THR B 266 21.18 -6.49 -15.64
C THR B 266 20.64 -6.47 -17.08
N MET B 267 20.09 -7.60 -17.52
CA MET B 267 19.23 -7.60 -18.71
C MET B 267 17.93 -8.35 -18.40
N GLU B 268 16.80 -7.70 -18.58
CA GLU B 268 15.52 -8.29 -18.18
C GLU B 268 14.50 -8.37 -19.30
N SER B 269 13.71 -9.46 -19.30
CA SER B 269 12.50 -9.48 -20.19
C SER B 269 11.22 -9.41 -19.37
N LEU B 270 10.74 -10.54 -18.89
CA LEU B 270 9.44 -10.52 -18.21
C LEU B 270 9.34 -9.59 -17.02
N THR B 271 10.46 -9.32 -16.29
CA THR B 271 10.35 -8.45 -15.09
C THR B 271 10.22 -6.97 -15.49
N GLY B 272 10.47 -6.68 -16.76
CA GLY B 272 10.25 -5.32 -17.35
C GLY B 272 11.02 -4.16 -16.74
N GLY B 273 12.00 -4.44 -15.86
CA GLY B 273 12.76 -3.34 -15.21
C GLY B 273 12.59 -3.35 -13.71
N LEU B 274 11.70 -4.19 -13.23
CA LEU B 274 11.50 -4.39 -11.81
C LEU B 274 12.76 -4.83 -11.07
N LEU B 275 13.62 -5.62 -11.73
CA LEU B 275 14.89 -6.06 -11.12
C LEU B 275 15.84 -4.85 -10.90
N GLY B 276 16.08 -4.08 -11.95
CA GLY B 276 16.81 -2.77 -11.79
C GLY B 276 16.17 -1.89 -10.68
N ALA B 277 14.84 -1.80 -10.67
CA ALA B 277 14.14 -1.00 -9.66
C ALA B 277 14.41 -1.49 -8.24
N GLU B 278 14.44 -2.80 -8.06
CA GLU B 278 14.65 -3.35 -6.72
C GLU B 278 16.11 -3.16 -6.29
N ILE B 279 17.06 -3.27 -7.25
CA ILE B 279 18.45 -3.09 -6.88
C ILE B 279 18.65 -1.61 -6.41
N THR B 280 18.09 -0.67 -7.16
CA THR B 280 18.34 0.76 -6.94
C THR B 280 17.50 1.36 -5.80
N ARG B 281 16.60 0.56 -5.27
CA ARG B 281 15.75 0.98 -4.15
C ARG B 281 16.65 1.36 -2.99
N VAL B 282 17.78 0.68 -2.85
CA VAL B 282 18.67 0.91 -1.72
C VAL B 282 19.64 2.07 -1.92
N PRO B 283 19.71 3.00 -0.91
CA PRO B 283 20.66 4.13 -1.04
C PRO B 283 22.06 3.62 -1.20
N GLY B 284 22.85 4.24 -2.07
CA GLY B 284 24.21 3.80 -2.33
C GLY B 284 24.35 2.86 -3.52
N ALA B 285 23.23 2.58 -4.20
CA ALA B 285 23.27 1.65 -5.36
C ALA B 285 24.23 2.13 -6.47
N SER B 286 24.50 3.44 -6.53
CA SER B 286 25.31 3.98 -7.60
C SER B 286 26.76 3.61 -7.47
N ARG B 287 27.13 3.10 -6.31
CA ARG B 287 28.52 2.69 -6.05
C ARG B 287 28.83 1.39 -6.75
N PHE B 288 27.81 0.62 -7.15
CA PHE B 288 28.10 -0.66 -7.79
C PHE B 288 27.24 -0.92 -9.02
N TYR B 289 26.03 -0.35 -9.06
CA TYR B 289 25.08 -0.69 -10.13
C TYR B 289 25.31 0.23 -11.33
N LEU B 290 25.75 -0.35 -12.44
CA LEU B 290 26.08 0.46 -13.60
C LEU B 290 24.86 0.77 -14.43
N GLY B 291 23.89 -0.14 -14.44
CA GLY B 291 22.68 0.02 -15.24
C GLY B 291 22.13 -1.30 -15.80
N GLY B 292 21.16 -1.18 -16.70
CA GLY B 292 20.48 -2.34 -17.22
C GLY B 292 19.82 -2.12 -18.55
N VAL B 293 19.39 -3.21 -19.17
CA VAL B 293 18.58 -3.17 -20.37
C VAL B 293 17.29 -3.93 -20.07
N VAL B 294 16.17 -3.37 -20.49
CA VAL B 294 14.91 -4.09 -20.49
C VAL B 294 14.72 -4.49 -21.93
N SER B 295 15.01 -5.73 -22.27
CA SER B 295 14.94 -6.17 -23.66
C SER B 295 13.54 -6.76 -23.87
N TYR B 296 12.54 -5.90 -24.10
CA TYR B 296 11.20 -6.41 -24.00
C TYR B 296 10.77 -6.99 -25.38
N SER B 297 11.29 -6.46 -26.49
CA SER B 297 10.99 -6.98 -27.80
C SER B 297 12.13 -7.82 -28.34
N VAL B 298 11.85 -8.59 -29.41
CA VAL B 298 12.85 -9.35 -30.11
C VAL B 298 13.92 -8.45 -30.71
N GLY B 299 13.51 -7.34 -31.26
CA GLY B 299 14.48 -6.40 -31.79
C GLY B 299 15.44 -5.91 -30.74
N ALA B 300 14.90 -5.56 -29.55
CA ALA B 300 15.75 -5.08 -28.47
C ALA B 300 16.76 -6.18 -28.03
N LYS B 301 16.30 -7.42 -27.87
CA LYS B 301 17.19 -8.52 -27.43
C LYS B 301 18.37 -8.65 -28.42
N ALA B 302 18.06 -8.63 -29.73
CA ALA B 302 19.13 -8.81 -30.72
C ALA B 302 20.10 -7.62 -30.64
N ARG B 303 19.52 -6.43 -30.51
CA ARG B 303 20.34 -5.25 -30.68
C ARG B 303 21.35 -5.13 -29.54
N PHE B 304 21.03 -5.67 -28.38
CA PHE B 304 21.97 -5.60 -27.25
C PHE B 304 22.71 -6.91 -26.98
N GLY B 305 22.71 -7.81 -27.94
CA GLY B 305 23.67 -8.92 -27.81
C GLY B 305 23.18 -10.32 -27.72
N VAL B 306 21.88 -10.55 -27.64
CA VAL B 306 21.41 -11.94 -27.63
C VAL B 306 21.54 -12.54 -29.07
N PRO B 307 22.14 -13.73 -29.22
CA PRO B 307 22.35 -14.37 -30.55
C PRO B 307 21.04 -14.64 -31.30
N GLN B 308 21.03 -14.33 -32.61
CA GLN B 308 19.86 -14.63 -33.46
C GLN B 308 19.33 -16.05 -33.25
N ASP B 309 20.24 -17.02 -33.21
CA ASP B 309 19.87 -18.44 -33.00
C ASP B 309 18.96 -18.71 -31.78
N LEU B 310 18.86 -17.78 -30.81
CA LEU B 310 18.16 -18.07 -29.57
C LEU B 310 16.85 -17.29 -29.45
N LEU B 311 16.60 -16.40 -30.40
CA LEU B 311 15.49 -15.46 -30.28
C LEU B 311 14.10 -16.12 -30.44
N SER B 312 14.07 -17.34 -30.94
CA SER B 312 12.80 -18.02 -31.09
C SER B 312 12.59 -18.91 -29.85
N ARG B 313 13.61 -19.06 -29.00
CA ARG B 313 13.42 -19.83 -27.76
C ARG B 313 13.76 -19.00 -26.48
N THR B 314 12.97 -17.97 -26.23
CA THR B 314 13.31 -17.09 -25.14
C THR B 314 13.04 -17.68 -23.77
N VAL B 315 12.11 -18.64 -23.67
CA VAL B 315 11.83 -19.29 -22.40
C VAL B 315 12.75 -20.49 -22.30
N SER B 316 14.03 -20.23 -21.98
CA SER B 316 15.01 -21.30 -21.89
C SER B 316 16.20 -20.89 -21.05
N ALA B 317 16.86 -21.89 -20.47
CA ALA B 317 18.14 -21.71 -19.78
C ALA B 317 19.25 -21.08 -20.62
N GLU B 318 19.29 -21.43 -21.91
CA GLU B 318 20.31 -20.90 -22.86
C GLU B 318 20.13 -19.37 -23.02
N THR B 319 18.88 -18.92 -23.11
CA THR B 319 18.60 -17.53 -23.30
C THR B 319 18.91 -16.70 -22.07
N ALA B 320 18.52 -17.21 -20.91
CA ALA B 320 18.88 -16.56 -19.67
C ALA B 320 20.41 -16.35 -19.55
N ARG B 321 21.17 -17.39 -19.85
CA ARG B 321 22.62 -17.35 -19.84
C ARG B 321 23.15 -16.32 -20.82
N ALA B 322 22.62 -16.36 -22.04
CA ALA B 322 23.04 -15.42 -23.08
C ALA B 322 22.71 -13.95 -22.75
N MET B 323 21.53 -13.72 -22.15
CA MET B 323 21.16 -12.37 -21.70
C MET B 323 22.11 -11.82 -20.58
N ALA B 324 22.49 -12.67 -19.62
CA ALA B 324 23.40 -12.27 -18.56
C ALA B 324 24.79 -11.95 -19.14
N GLU B 325 25.28 -12.79 -20.07
CA GLU B 325 26.58 -12.57 -20.76
C GLU B 325 26.56 -11.32 -21.56
N ALA B 326 25.45 -11.11 -22.30
CA ALA B 326 25.28 -9.91 -23.12
C ALA B 326 25.28 -8.61 -22.26
N ALA B 327 24.54 -8.61 -21.14
CA ALA B 327 24.57 -7.46 -20.20
C ALA B 327 25.97 -7.24 -19.66
N ARG B 328 26.63 -8.34 -19.26
CA ARG B 328 27.98 -8.22 -18.69
C ARG B 328 28.97 -7.63 -19.69
N SER B 329 28.92 -8.07 -20.94
CA SER B 329 29.85 -7.49 -21.94
C SER B 329 29.48 -6.03 -22.32
N LEU B 330 28.18 -5.74 -22.40
CA LEU B 330 27.69 -4.39 -22.70
C LEU B 330 28.13 -3.36 -21.63
N PHE B 331 27.93 -3.67 -20.36
CA PHE B 331 28.23 -2.70 -19.30
C PHE B 331 29.65 -2.79 -18.77
N GLY B 332 30.32 -3.91 -19.06
CA GLY B 332 31.64 -4.18 -18.46
C GLY B 332 31.58 -4.40 -16.95
N SER B 333 30.51 -5.02 -16.44
CA SER B 333 30.40 -5.21 -15.00
C SER B 333 31.09 -6.50 -14.50
N THR B 334 31.41 -6.57 -13.21
CA THR B 334 31.96 -7.81 -12.67
C THR B 334 30.91 -8.93 -12.79
N TYR B 335 29.68 -8.61 -12.44
CA TYR B 335 28.61 -9.58 -12.43
C TYR B 335 27.47 -8.99 -13.25
N ALA B 336 26.62 -9.87 -13.76
CA ALA B 336 25.36 -9.46 -14.41
C ALA B 336 24.25 -10.49 -14.18
N LEU B 337 23.04 -9.99 -13.91
CA LEU B 337 21.87 -10.83 -13.71
C LEU B 337 20.92 -10.67 -14.88
N ALA B 338 20.22 -11.74 -15.23
CA ALA B 338 19.20 -11.75 -16.28
C ALA B 338 17.95 -12.52 -15.87
N THR B 339 16.81 -12.09 -16.41
CA THR B 339 15.54 -12.76 -16.21
C THR B 339 14.83 -13.02 -17.50
N THR B 340 14.32 -14.22 -17.66
CA THR B 340 13.48 -14.54 -18.80
C THR B 340 12.41 -15.58 -18.41
N GLY B 341 11.29 -15.62 -19.12
CA GLY B 341 10.26 -16.55 -18.83
C GLY B 341 8.82 -16.05 -19.02
N VAL B 342 7.87 -16.71 -18.38
CA VAL B 342 6.41 -16.44 -18.56
C VAL B 342 5.75 -15.84 -17.28
N ALA B 343 5.41 -14.58 -17.32
CA ALA B 343 4.77 -13.92 -16.17
C ALA B 343 3.30 -14.30 -16.09
N GLY B 344 2.68 -14.61 -17.24
CA GLY B 344 1.22 -14.69 -17.26
C GLY B 344 0.56 -13.36 -17.62
N PRO B 345 -0.74 -13.39 -17.95
CA PRO B 345 -1.65 -14.53 -17.87
C PRO B 345 -1.54 -15.60 -18.98
N ASP B 346 -0.90 -15.29 -20.10
CA ASP B 346 -0.87 -16.29 -21.22
C ASP B 346 0.38 -17.18 -21.18
N PRO B 347 0.29 -18.38 -21.75
CA PRO B 347 1.51 -19.15 -21.93
C PRO B 347 2.37 -18.52 -23.02
N LEU B 348 3.59 -19.01 -23.16
CA LEU B 348 4.50 -18.44 -24.14
C LEU B 348 5.41 -19.63 -24.50
N GLU B 349 5.51 -19.91 -25.81
CA GLU B 349 6.34 -21.03 -26.34
C GLU B 349 5.99 -22.35 -25.69
N GLY B 350 4.70 -22.58 -25.45
CA GLY B 350 4.24 -23.87 -24.88
C GLY B 350 4.54 -23.99 -23.40
N GLU B 351 4.96 -22.90 -22.76
CA GLU B 351 5.31 -22.97 -21.35
C GLU B 351 4.32 -22.16 -20.57
N PRO B 352 3.95 -22.64 -19.39
CA PRO B 352 2.89 -22.00 -18.55
C PRO B 352 3.41 -20.78 -17.81
N PRO B 353 2.50 -19.91 -17.35
CA PRO B 353 2.91 -18.77 -16.49
C PRO B 353 3.63 -19.29 -15.31
N GLY B 354 4.66 -18.57 -14.84
CA GLY B 354 5.42 -18.95 -13.66
C GLY B 354 6.62 -19.78 -14.03
N THR B 355 6.80 -20.10 -15.33
CA THR B 355 8.01 -20.81 -15.80
C THR B 355 9.08 -19.70 -16.01
N VAL B 356 10.13 -19.74 -15.18
CA VAL B 356 11.11 -18.63 -15.17
C VAL B 356 12.54 -19.17 -15.10
N TYR B 357 13.45 -18.54 -15.83
CA TYR B 357 14.89 -18.84 -15.70
C TYR B 357 15.59 -17.56 -15.28
N VAL B 358 16.37 -17.65 -14.22
CA VAL B 358 17.20 -16.50 -13.82
C VAL B 358 18.66 -16.93 -13.97
N ALA B 359 19.53 -15.98 -14.32
CA ALA B 359 20.92 -16.28 -14.58
C ALA B 359 21.84 -15.20 -14.01
N LEU B 360 23.04 -15.64 -13.66
CA LEU B 360 24.10 -14.79 -13.18
C LEU B 360 25.36 -15.09 -13.98
N ALA B 361 25.98 -14.05 -14.61
CA ALA B 361 27.27 -14.23 -15.28
C ALA B 361 28.33 -13.49 -14.46
N GLY B 362 29.46 -14.17 -14.21
CA GLY B 362 30.52 -13.55 -13.48
C GLY B 362 31.87 -13.87 -14.03
N PRO B 363 32.91 -13.57 -13.25
CA PRO B 363 34.31 -13.81 -13.69
C PRO B 363 34.57 -15.27 -14.18
N THR B 364 33.95 -16.27 -13.53
CA THR B 364 34.28 -17.65 -13.85
C THR B 364 33.20 -18.34 -14.64
N GLY B 365 32.25 -17.59 -15.16
CA GLY B 365 31.21 -18.17 -16.03
C GLY B 365 29.79 -17.81 -15.53
N ALA B 366 28.83 -18.65 -15.90
CA ALA B 366 27.42 -18.30 -15.74
C ALA B 366 26.72 -19.41 -14.99
N GLU B 367 25.66 -19.10 -14.27
CA GLU B 367 24.76 -20.16 -13.81
C GLU B 367 23.29 -19.78 -13.97
N VAL B 368 22.47 -20.80 -14.20
CA VAL B 368 21.03 -20.63 -14.38
C VAL B 368 20.26 -21.42 -13.35
N ARG B 369 19.15 -20.86 -12.86
CA ARG B 369 18.20 -21.65 -12.10
C ARG B 369 16.85 -21.55 -12.77
N ARG B 370 16.14 -22.67 -12.83
CA ARG B 370 14.79 -22.67 -13.32
C ARG B 370 13.83 -22.65 -12.11
N TYR B 371 12.78 -21.87 -12.20
CA TYR B 371 11.73 -21.90 -11.21
C TYR B 371 10.38 -22.13 -11.90
N ARG B 372 9.42 -22.67 -11.15
CA ARG B 372 8.01 -22.76 -11.55
C ARG B 372 7.18 -22.09 -10.45
N PHE B 373 6.84 -20.83 -10.65
CA PHE B 373 6.29 -19.98 -9.61
C PHE B 373 4.78 -19.94 -9.74
N PRO B 374 4.06 -20.22 -8.63
CA PRO B 374 2.60 -19.99 -8.59
C PRO B 374 2.33 -18.47 -8.43
N GLY B 375 1.13 -18.04 -8.80
CA GLY B 375 0.69 -16.68 -8.56
C GLY B 375 0.31 -15.99 -9.86
N ASP B 376 -0.31 -14.83 -9.73
CA ASP B 376 -0.68 -14.04 -10.87
C ASP B 376 0.51 -13.32 -11.50
N ARG B 377 0.23 -12.57 -12.58
CA ARG B 377 1.26 -11.83 -13.30
C ARG B 377 2.26 -11.04 -12.39
N GLU B 378 1.75 -10.13 -11.59
CA GLU B 378 2.62 -9.31 -10.74
C GLU B 378 3.38 -10.13 -9.70
N THR B 379 2.74 -11.15 -9.17
CA THR B 379 3.39 -12.01 -8.18
C THR B 379 4.59 -12.71 -8.86
N VAL B 380 4.38 -13.21 -10.08
CA VAL B 380 5.43 -13.99 -10.75
C VAL B 380 6.63 -13.07 -11.03
N ARG B 381 6.33 -11.84 -11.41
CA ARG B 381 7.39 -10.85 -11.70
C ARG B 381 8.22 -10.59 -10.47
N LEU B 382 7.55 -10.44 -9.32
CA LEU B 382 8.20 -10.18 -8.08
C LEU B 382 9.09 -11.35 -7.63
N ARG B 383 8.53 -12.56 -7.65
CA ARG B 383 9.27 -13.73 -7.25
C ARG B 383 10.53 -13.86 -8.16
N SER B 384 10.40 -13.44 -9.43
CA SER B 384 11.48 -13.54 -10.41
C SER B 384 12.60 -12.62 -10.01
N VAL B 385 12.25 -11.36 -9.68
CA VAL B 385 13.24 -10.39 -9.23
C VAL B 385 14.03 -10.95 -8.04
N TYR B 386 13.35 -11.52 -7.05
CA TYR B 386 14.03 -12.03 -5.82
C TYR B 386 14.88 -13.29 -6.10
N ALA B 387 14.37 -14.19 -6.96
CA ALA B 387 15.16 -15.34 -7.40
C ALA B 387 16.48 -14.89 -8.07
N ALA B 388 16.44 -13.86 -8.94
CA ALA B 388 17.67 -13.35 -9.55
C ALA B 388 18.66 -12.83 -8.48
N LEU B 389 18.18 -11.93 -7.60
CA LEU B 389 19.06 -11.46 -6.48
C LEU B 389 19.59 -12.60 -5.61
N ALA B 390 18.75 -13.62 -5.36
CA ALA B 390 19.21 -14.80 -4.57
C ALA B 390 20.44 -15.53 -5.17
N LEU B 391 20.69 -15.36 -6.46
CA LEU B 391 21.83 -16.02 -7.09
C LEU B 391 23.10 -15.53 -6.51
N LEU B 392 23.06 -14.29 -6.03
CA LEU B 392 24.24 -13.63 -5.49
C LEU B 392 24.40 -13.77 -3.99
N VAL B 393 23.32 -14.10 -3.29
CA VAL B 393 23.41 -14.03 -1.82
C VAL B 393 22.92 -15.27 -1.10
N THR B 394 22.63 -16.32 -1.85
CA THR B 394 22.27 -17.61 -1.26
C THR B 394 23.13 -18.67 -1.91
#